data_5HGG
#
_entry.id   5HGG
#
_cell.length_a   186.985
_cell.length_b   77.749
_cell.length_c   61.454
_cell.angle_alpha   90.000
_cell.angle_beta   102.400
_cell.angle_gamma   90.000
#
_symmetry.space_group_name_H-M   'C 1 2 1'
#
loop_
_entity.id
_entity.type
_entity.pdbx_description
1 polymer 'Urokinase-type plasminogen activator'
2 polymer 'Camelid Derived Antibody Fragment, Nb4'
3 non-polymer GLYCEROL
4 non-polymer 'SULFATE ION'
5 non-polymer '(3S)-3-[(2S,3S,4R)-3,4-DIMETHYLTETRAHYDROFURAN-2-YL]BUTYL LAURATE'
6 non-polymer '2-(N-MORPHOLINO)-ETHANESULFONIC ACID'
7 water water
#
loop_
_entity_poly.entity_id
_entity_poly.type
_entity_poly.pdbx_seq_one_letter_code
_entity_poly.pdbx_strand_id
1 'polypeptide(L)'
;IIGGEFTTIENQPWFAAIYRRHRGGSVTYVCGGSLISPCWVISATHCFIDYPKKEDYIVYLGRSRLNSNTQGEMKFEVEN
LILHKDYSADTLAHHNDIALLKIRSKEGRCAQPSRTIQTIALPSMYNDPQFGTSCEITGFGKEQSTDYLYPEQLKMTVVK
LISHRECQQPHYYGSEVTTKMLCAADPQWKTDSCQGDSGGPLVCSLQGRMTLTGIVSWGRGCALKDKPGVYTRVSHFLPW
IRSHTK
;
A,B
2 'polypeptide(L)'
;QVQLQESGGGLVQAGGSLRLSCAASGFTLDSYAIGWFRQAPGKEREGVSCISASGGSTNYADSVKGRFTISRDNAKNTVY
LQMNSLKSEDTAVYYCAADHPGLCTSESGRRRYLEVWGQGTQVTVSSA
;
S,T
#
# COMPACT_ATOMS: atom_id res chain seq x y z
N ILE A 1 -0.11 -11.07 -13.50
CA ILE A 1 0.95 -11.95 -14.10
C ILE A 1 2.31 -11.36 -13.72
N ILE A 2 3.13 -12.16 -13.01
CA ILE A 2 4.50 -11.78 -12.63
C ILE A 2 5.38 -12.17 -13.81
N GLY A 3 6.23 -11.26 -14.26
CA GLY A 3 7.12 -11.48 -15.41
C GLY A 3 6.32 -11.60 -16.70
N GLY A 4 6.80 -12.38 -17.64
CA GLY A 4 6.14 -12.42 -18.95
C GLY A 4 6.12 -11.08 -19.70
N GLU A 5 5.04 -10.83 -20.45
CA GLU A 5 5.01 -9.74 -21.42
C GLU A 5 3.59 -9.23 -21.65
N PHE A 6 3.48 -8.00 -22.11
CA PHE A 6 2.18 -7.46 -22.55
C PHE A 6 1.78 -8.17 -23.83
N THR A 7 0.49 -8.40 -23.99
CA THR A 7 0.00 -9.09 -25.16
C THR A 7 -1.28 -8.43 -25.65
N THR A 8 -1.74 -8.86 -26.83
CA THR A 8 -3.03 -8.41 -27.38
C THR A 8 -4.02 -9.53 -27.27
N ILE A 9 -5.29 -9.17 -27.36
CA ILE A 9 -6.37 -10.12 -27.19
C ILE A 9 -6.40 -11.12 -28.35
N GLU A 10 -5.87 -10.73 -29.51
CA GLU A 10 -5.70 -11.62 -30.66
C GLU A 10 -4.91 -12.89 -30.33
N ASN A 11 -3.91 -12.76 -29.46
CA ASN A 11 -3.14 -13.91 -28.99
C ASN A 11 -3.80 -14.75 -27.86
N GLN A 12 -4.83 -14.22 -27.21
CA GLN A 12 -5.61 -14.96 -26.19
C GLN A 12 -7.12 -14.69 -26.40
N PRO A 13 -7.67 -15.03 -27.60
CA PRO A 13 -9.01 -14.59 -28.01
C PRO A 13 -10.20 -15.22 -27.25
N TRP A 14 -9.90 -16.27 -26.51
CA TRP A 14 -10.80 -16.89 -25.51
C TRP A 14 -10.91 -16.11 -24.19
N PHE A 15 -10.02 -15.15 -23.96
CA PHE A 15 -9.91 -14.54 -22.62
C PHE A 15 -11.08 -13.64 -22.33
N ALA A 16 -11.74 -13.85 -21.19
CA ALA A 16 -12.85 -13.04 -20.75
C ALA A 16 -12.44 -12.22 -19.53
N ALA A 17 -12.83 -10.96 -19.54
CA ALA A 17 -12.54 -10.00 -18.45
C ALA A 17 -13.84 -9.81 -17.69
N ILE A 18 -13.83 -10.11 -16.38
CA ILE A 18 -15.05 -10.12 -15.56
C ILE A 18 -14.99 -9.04 -14.46
N TYR A 19 -15.99 -8.18 -14.44
CA TYR A 19 -16.06 -7.05 -13.55
C TYR A 19 -17.34 -7.16 -12.71
N ARG A 20 -17.32 -6.48 -11.59
CA ARG A 20 -18.47 -6.37 -10.70
C ARG A 20 -18.95 -4.93 -10.64
N ARG A 21 -20.26 -4.75 -10.73
CA ARG A 21 -20.91 -3.45 -10.58
C ARG A 21 -21.34 -3.32 -9.13
N HIS A 22 -21.02 -2.20 -8.48
CA HIS A 22 -21.50 -1.88 -7.14
C HIS A 22 -22.62 -0.87 -7.31
N ARG A 23 -23.84 -1.26 -6.98
CA ARG A 23 -24.99 -0.34 -7.03
C ARG A 23 -24.71 0.86 -6.15
N GLY A 24 -24.90 2.05 -6.69
CA GLY A 24 -24.50 3.28 -6.01
C GLY A 24 -23.00 3.53 -6.03
N GLY A 25 -22.25 2.87 -6.91
CA GLY A 25 -20.82 3.18 -7.01
C GLY A 25 -20.07 2.67 -8.22
N SER A 26 -18.95 2.00 -7.96
CA SER A 26 -17.90 1.81 -8.97
C SER A 26 -18.07 0.47 -9.67
N VAL A 27 -17.22 0.25 -10.66
CA VAL A 27 -17.09 -1.06 -11.26
C VAL A 27 -15.67 -1.48 -10.95
N THR A 28 -15.49 -2.69 -10.45
CA THR A 28 -14.15 -3.19 -10.17
C THR A 28 -13.92 -4.50 -10.89
N TYR A 29 -12.68 -4.73 -11.27
CA TYR A 29 -12.31 -5.98 -11.90
C TYR A 29 -12.31 -7.11 -10.87
N VAL A 30 -12.79 -8.29 -11.28
CA VAL A 30 -12.88 -9.41 -10.35
C VAL A 30 -11.93 -10.52 -10.70
N CYS A 31 -12.02 -11.00 -11.93
CA CYS A 31 -11.33 -12.20 -12.36
C CYS A 31 -11.33 -12.34 -13.86
N GLY A 32 -10.48 -13.26 -14.35
CA GLY A 32 -10.54 -13.71 -15.72
C GLY A 32 -11.50 -14.88 -15.92
N GLY A 33 -11.63 -15.28 -17.17
CA GLY A 33 -12.40 -16.45 -17.57
C GLY A 33 -12.00 -16.83 -18.97
N SER A 34 -12.61 -17.89 -19.47
CA SER A 34 -12.33 -18.43 -20.81
C SER A 34 -13.61 -18.83 -21.52
N LEU A 35 -13.76 -18.37 -22.76
CA LEU A 35 -14.91 -18.70 -23.58
C LEU A 35 -14.79 -20.16 -24.08
N ILE A 36 -15.70 -21.02 -23.65
CA ILE A 36 -15.68 -22.44 -24.07
C ILE A 36 -16.75 -22.78 -25.11
N SER A 37 -17.76 -21.94 -25.23
CA SER A 37 -18.72 -22.01 -26.32
C SER A 37 -19.33 -20.60 -26.49
N PRO A 38 -20.08 -20.36 -27.57
CA PRO A 38 -20.51 -18.97 -27.77
C PRO A 38 -21.23 -18.33 -26.56
N CYS A 39 -22.00 -19.13 -25.79
CA CYS A 39 -22.81 -18.64 -24.68
C CYS A 39 -22.22 -18.90 -23.29
N TRP A 40 -21.06 -19.56 -23.21
CA TRP A 40 -20.56 -20.00 -21.92
C TRP A 40 -19.09 -19.62 -21.70
N VAL A 41 -18.87 -18.94 -20.57
CA VAL A 41 -17.55 -18.64 -20.07
C VAL A 41 -17.28 -19.51 -18.86
N ILE A 42 -16.07 -20.04 -18.77
CA ILE A 42 -15.65 -20.79 -17.57
C ILE A 42 -14.64 -19.97 -16.74
N SER A 43 -14.83 -19.98 -15.42
CA SER A 43 -14.00 -19.25 -14.48
C SER A 43 -13.84 -20.06 -13.17
N ALA A 44 -13.51 -19.38 -12.08
CA ALA A 44 -13.29 -19.97 -10.76
C ALA A 44 -14.40 -19.57 -9.80
N THR A 45 -14.89 -20.54 -9.02
CA THR A 45 -15.92 -20.27 -8.04
C THR A 45 -15.47 -19.23 -6.99
N HIS A 46 -14.22 -19.28 -6.55
CA HIS A 46 -13.87 -18.35 -5.46
C HIS A 46 -13.92 -16.88 -5.87
N CYS A 47 -13.93 -16.60 -7.17
CA CYS A 47 -14.21 -15.24 -7.69
C CYS A 47 -15.59 -14.70 -7.30
N PHE A 48 -16.56 -15.61 -7.14
CA PHE A 48 -17.99 -15.23 -6.97
C PHE A 48 -18.67 -15.72 -5.71
N ILE A 49 -18.01 -16.62 -4.96
CA ILE A 49 -18.68 -17.35 -3.87
C ILE A 49 -19.23 -16.38 -2.81
N ASP A 50 -18.53 -15.29 -2.53
CA ASP A 50 -18.99 -14.32 -1.54
C ASP A 50 -20.14 -13.47 -2.04
N TYR A 51 -20.36 -13.39 -3.34
CA TYR A 51 -21.46 -12.56 -3.84
C TYR A 51 -21.99 -13.20 -5.14
N PRO A 52 -22.76 -14.29 -5.01
CA PRO A 52 -23.17 -15.09 -6.17
C PRO A 52 -24.44 -14.55 -6.87
N LYS A 53 -24.45 -13.26 -7.17
CA LYS A 53 -25.60 -12.58 -7.72
C LYS A 53 -25.27 -12.18 -9.18
N LYS A 54 -25.80 -12.96 -10.11
CA LYS A 54 -25.48 -12.78 -11.53
C LYS A 54 -25.69 -11.38 -12.09
N GLU A 55 -26.69 -10.65 -11.58
CA GLU A 55 -27.08 -9.35 -12.13
C GLU A 55 -26.02 -8.25 -12.02
N ASP A 56 -25.06 -8.43 -11.13
CA ASP A 56 -24.08 -7.38 -10.86
C ASP A 56 -22.75 -7.69 -11.50
N TYR A 57 -22.66 -8.72 -12.34
CA TYR A 57 -21.40 -8.98 -13.02
C TYR A 57 -21.48 -8.56 -14.47
N ILE A 58 -20.32 -8.22 -15.02
CA ILE A 58 -20.21 -7.80 -16.43
C ILE A 58 -19.09 -8.62 -16.99
N VAL A 59 -19.29 -9.20 -18.18
CA VAL A 59 -18.23 -9.96 -18.88
C VAL A 59 -17.91 -9.28 -20.21
N TYR A 60 -16.63 -9.08 -20.47
CA TYR A 60 -16.17 -8.65 -21.79
C TYR A 60 -15.39 -9.77 -22.49
N LEU A 61 -15.59 -9.89 -23.80
CA LEU A 61 -14.69 -10.65 -24.70
C LEU A 61 -14.10 -9.68 -25.69
N GLY A 62 -12.95 -10.03 -26.24
CA GLY A 62 -12.23 -9.16 -27.19
C GLY A 62 -11.61 -7.93 -26.55
N ARG A 63 -11.32 -7.99 -25.25
CA ARG A 63 -10.90 -6.81 -24.46
C ARG A 63 -9.45 -7.03 -24.02
N SER A 64 -8.56 -6.13 -24.40
CA SER A 64 -7.15 -6.24 -24.02
C SER A 64 -6.68 -5.15 -23.03
N ARG A 65 -7.56 -4.22 -22.65
CA ARG A 65 -7.21 -3.19 -21.67
C ARG A 65 -8.19 -3.18 -20.52
N LEU A 66 -7.68 -2.85 -19.33
CA LEU A 66 -8.46 -2.94 -18.10
C LEU A 66 -9.53 -1.83 -17.97
N ASN A 67 -9.20 -0.61 -18.38
CA ASN A 67 -10.06 0.59 -18.18
C ASN A 67 -10.34 1.41 -19.44
N SER A 68 -10.07 0.86 -20.62
CA SER A 68 -10.52 1.47 -21.88
C SER A 68 -11.02 0.40 -22.85
N ASN A 69 -11.61 0.85 -23.96
CA ASN A 69 -12.20 -0.02 -24.96
C ASN A 69 -11.16 -0.54 -25.90
N THR A 70 -11.40 -1.74 -26.42
CA THR A 70 -10.66 -2.31 -27.53
C THR A 70 -11.64 -2.46 -28.69
N GLN A 71 -11.24 -2.03 -29.88
CA GLN A 71 -12.04 -2.20 -31.10
C GLN A 71 -12.45 -3.66 -31.25
N GLY A 72 -13.74 -3.90 -31.51
CA GLY A 72 -14.27 -5.26 -31.68
C GLY A 72 -14.71 -5.97 -30.40
N GLU A 73 -14.51 -5.38 -29.22
CA GLU A 73 -14.93 -6.03 -27.98
C GLU A 73 -16.45 -6.14 -27.86
N MET A 74 -16.93 -7.11 -27.09
CA MET A 74 -18.35 -7.30 -26.84
C MET A 74 -18.51 -7.32 -25.32
N LYS A 75 -19.58 -6.69 -24.85
CA LYS A 75 -19.92 -6.60 -23.44
C LYS A 75 -21.14 -7.45 -23.19
N PHE A 76 -21.14 -8.24 -22.11
CA PHE A 76 -22.24 -9.18 -21.81
C PHE A 76 -22.74 -9.05 -20.38
N GLU A 77 -24.03 -9.31 -20.18
CA GLU A 77 -24.57 -9.58 -18.87
C GLU A 77 -24.52 -11.09 -18.61
N VAL A 78 -24.69 -11.48 -17.35
CA VAL A 78 -24.59 -12.87 -16.97
C VAL A 78 -26.00 -13.38 -16.74
N GLU A 79 -26.46 -14.23 -17.66
CA GLU A 79 -27.81 -14.84 -17.64
C GLU A 79 -27.91 -15.97 -16.61
N ASN A 80 -26.78 -16.60 -16.30
CA ASN A 80 -26.75 -17.67 -15.31
C ASN A 80 -25.35 -17.77 -14.72
N LEU A 81 -25.25 -17.76 -13.41
CA LEU A 81 -23.97 -17.89 -12.69
C LEU A 81 -24.01 -19.21 -11.93
N ILE A 82 -23.16 -20.16 -12.32
CA ILE A 82 -23.17 -21.50 -11.75
C ILE A 82 -21.86 -21.77 -11.00
N LEU A 83 -21.96 -21.97 -9.69
CA LEU A 83 -20.78 -22.26 -8.90
C LEU A 83 -20.76 -23.74 -8.57
N HIS A 84 -19.58 -24.27 -8.26
CA HIS A 84 -19.46 -25.70 -7.94
C HIS A 84 -19.95 -25.93 -6.51
N LYS A 85 -20.93 -26.82 -6.36
CA LYS A 85 -21.55 -27.08 -5.04
C LYS A 85 -20.58 -27.60 -3.94
N ASP A 86 -19.48 -28.23 -4.34
CA ASP A 86 -18.47 -28.75 -3.45
C ASP A 86 -17.24 -27.87 -3.37
N TYR A 87 -17.33 -26.61 -3.80
CA TYR A 87 -16.24 -25.66 -3.58
C TYR A 87 -15.95 -25.59 -2.09
N SER A 88 -14.68 -25.60 -1.70
CA SER A 88 -14.35 -25.26 -0.30
C SER A 88 -12.94 -24.72 -0.22
N ALA A 89 -12.68 -23.98 0.84
CA ALA A 89 -11.36 -23.44 1.08
C ALA A 89 -11.16 -23.23 2.58
N ASP A 90 -11.34 -24.29 3.32
CA ASP A 90 -11.15 -24.26 4.76
C ASP A 90 -9.68 -24.22 5.17
N THR A 91 -8.78 -24.64 4.27
CA THR A 91 -7.34 -24.63 4.51
C THR A 91 -6.77 -23.88 3.33
N LEU A 92 -5.48 -24.01 3.05
CA LEU A 92 -4.84 -23.24 2.02
C LEU A 92 -5.45 -23.48 0.63
N ALA A 93 -5.68 -24.73 0.31
CA ALA A 93 -6.21 -25.11 -1.03
C ALA A 93 -7.64 -24.61 -1.26
N HIS A 94 -7.95 -24.30 -2.51
CA HIS A 94 -9.34 -24.13 -2.95
C HIS A 94 -9.72 -25.37 -3.76
N HIS A 95 -10.74 -26.09 -3.29
CA HIS A 95 -11.20 -27.34 -3.95
C HIS A 95 -12.32 -27.02 -4.90
N ASN A 96 -12.34 -27.70 -6.04
CA ASN A 96 -13.49 -27.61 -6.97
C ASN A 96 -13.70 -26.16 -7.38
N ASP A 97 -12.57 -25.50 -7.68
CA ASP A 97 -12.59 -24.04 -7.95
C ASP A 97 -12.89 -23.81 -9.44
N ILE A 98 -14.17 -23.93 -9.77
CA ILE A 98 -14.62 -23.89 -11.15
C ILE A 98 -16.01 -23.33 -11.18
N ALA A 99 -16.30 -22.52 -12.18
CA ALA A 99 -17.60 -21.82 -12.29
C ALA A 99 -17.98 -21.58 -13.75
N LEU A 100 -19.28 -21.44 -14.00
CA LEU A 100 -19.81 -21.21 -15.33
C LEU A 100 -20.66 -19.94 -15.35
N LEU A 101 -20.45 -19.13 -16.39
CA LEU A 101 -21.21 -17.91 -16.64
C LEU A 101 -21.83 -18.01 -18.03
N LYS A 102 -23.15 -18.08 -18.07
CA LYS A 102 -23.86 -17.99 -19.32
C LYS A 102 -23.98 -16.50 -19.67
N ILE A 103 -23.50 -16.12 -20.85
CA ILE A 103 -23.43 -14.73 -21.25
C ILE A 103 -24.45 -14.37 -22.32
N ARG A 104 -24.95 -13.13 -22.26
CA ARG A 104 -26.02 -12.64 -23.11
C ARG A 104 -25.80 -11.14 -23.26
N SER A 105 -25.73 -10.65 -24.49
CA SER A 105 -25.53 -9.21 -24.74
C SER A 105 -26.83 -8.42 -24.55
N LYS A 106 -26.70 -7.10 -24.57
CA LYS A 106 -27.85 -6.19 -24.49
C LYS A 106 -28.94 -6.51 -25.56
N GLU A 107 -28.48 -6.85 -26.76
CA GLU A 107 -29.36 -7.20 -27.89
C GLU A 107 -29.78 -8.69 -27.88
N GLY A 108 -29.49 -9.42 -26.80
CA GLY A 108 -29.89 -10.82 -26.66
C GLY A 108 -29.00 -11.88 -27.32
N ARG A 109 -27.75 -11.56 -27.66
CA ARG A 109 -26.88 -12.50 -28.41
C ARG A 109 -25.72 -13.07 -27.60
N CYS A 110 -25.26 -14.24 -28.02
CA CYS A 110 -24.07 -14.89 -27.51
C CYS A 110 -22.83 -14.35 -28.23
N ALA A 111 -21.64 -14.82 -27.87
CA ALA A 111 -20.40 -14.36 -28.50
C ALA A 111 -20.41 -14.61 -30.01
N GLN A 112 -19.82 -13.69 -30.76
CA GLN A 112 -19.72 -13.79 -32.22
C GLN A 112 -18.23 -13.85 -32.57
N PRO A 113 -17.75 -15.04 -33.03
CA PRO A 113 -16.32 -15.22 -33.37
C PRO A 113 -15.74 -14.18 -34.33
N SER A 114 -14.46 -13.88 -34.12
CA SER A 114 -13.72 -12.86 -34.86
C SER A 114 -12.23 -13.13 -34.63
N ARG A 115 -11.36 -12.24 -35.10
CA ARG A 115 -9.93 -12.36 -34.81
C ARG A 115 -9.59 -12.19 -33.33
N THR A 116 -10.48 -11.50 -32.60
CA THR A 116 -10.28 -11.23 -31.17
C THR A 116 -11.20 -12.01 -30.21
N ILE A 117 -12.19 -12.73 -30.74
CA ILE A 117 -13.13 -13.52 -29.92
C ILE A 117 -13.23 -14.93 -30.48
N GLN A 118 -12.87 -15.93 -29.68
CA GLN A 118 -12.83 -17.31 -30.14
C GLN A 118 -12.95 -18.24 -28.94
N THR A 119 -13.58 -19.38 -29.12
CA THR A 119 -13.62 -20.40 -28.06
C THR A 119 -12.27 -21.07 -27.93
N ILE A 120 -12.05 -21.66 -26.76
CA ILE A 120 -10.89 -22.51 -26.50
C ILE A 120 -11.41 -23.93 -26.28
N ALA A 121 -10.72 -24.91 -26.86
CA ALA A 121 -11.08 -26.31 -26.72
C ALA A 121 -10.89 -26.82 -25.28
N LEU A 122 -11.83 -27.65 -24.86
CA LEU A 122 -11.71 -28.40 -23.63
C LEU A 122 -10.88 -29.67 -23.89
N PRO A 123 -10.20 -30.16 -22.86
CA PRO A 123 -9.46 -31.40 -23.02
C PRO A 123 -10.40 -32.60 -23.02
N SER A 124 -9.93 -33.69 -23.59
CA SER A 124 -10.58 -34.98 -23.50
C SER A 124 -10.43 -35.51 -22.05
N MET A 125 -11.27 -36.48 -21.67
CA MET A 125 -11.41 -36.84 -20.25
C MET A 125 -10.09 -37.38 -19.66
N TYR A 126 -9.68 -36.77 -18.56
CA TYR A 126 -8.42 -37.06 -17.85
C TYR A 126 -7.15 -36.88 -18.70
N ASN A 127 -7.23 -36.15 -19.82
CA ASN A 127 -6.10 -36.01 -20.72
C ASN A 127 -5.40 -34.72 -20.41
N ASP A 128 -4.19 -34.84 -19.86
CA ASP A 128 -3.36 -33.68 -19.51
C ASP A 128 -2.03 -33.79 -20.24
N PRO A 129 -1.41 -32.64 -20.52
CA PRO A 129 -0.03 -32.76 -21.02
C PRO A 129 0.93 -33.30 -19.95
N GLN A 130 2.03 -33.82 -20.41
CA GLN A 130 3.03 -34.36 -19.56
C GLN A 130 3.66 -33.28 -18.68
N PHE A 131 4.16 -33.71 -17.55
CA PHE A 131 4.87 -32.78 -16.67
C PHE A 131 6.15 -32.35 -17.37
N GLY A 132 6.55 -31.11 -17.12
CA GLY A 132 7.71 -30.55 -17.80
C GLY A 132 7.44 -29.96 -19.18
N THR A 133 6.17 -29.80 -19.52
CA THR A 133 5.81 -29.11 -20.75
C THR A 133 5.36 -27.67 -20.43
N SER A 134 5.43 -26.80 -21.44
CA SER A 134 5.13 -25.37 -21.31
C SER A 134 3.67 -25.05 -21.59
N CYS A 135 3.12 -24.15 -20.80
CA CYS A 135 1.75 -23.69 -20.93
C CYS A 135 1.76 -22.18 -20.78
N GLU A 136 0.71 -21.54 -21.31
CA GLU A 136 0.57 -20.10 -21.24
C GLU A 136 -0.52 -19.74 -20.24
N ILE A 137 -0.29 -18.65 -19.50
CA ILE A 137 -1.30 -18.07 -18.62
C ILE A 137 -1.45 -16.59 -18.97
N THR A 138 -2.62 -16.03 -18.66
CA THR A 138 -2.97 -14.68 -19.07
C THR A 138 -3.89 -14.01 -18.09
N GLY A 139 -3.73 -12.70 -17.94
CA GLY A 139 -4.61 -11.97 -17.06
C GLY A 139 -4.22 -10.55 -16.83
N PHE A 140 -5.09 -9.87 -16.07
CA PHE A 140 -4.91 -8.49 -15.63
C PHE A 140 -4.44 -8.42 -14.17
N GLY A 141 -3.93 -9.51 -13.62
CA GLY A 141 -3.45 -9.54 -12.24
C GLY A 141 -2.18 -8.77 -12.00
N LYS A 142 -1.81 -8.68 -10.74
CA LYS A 142 -0.66 -7.93 -10.31
C LYS A 142 0.64 -8.36 -11.02
N GLU A 143 1.53 -7.41 -11.22
CA GLU A 143 2.87 -7.64 -11.79
C GLU A 143 3.91 -8.00 -10.72
N GLN A 144 3.63 -7.64 -9.47
CA GLN A 144 4.41 -8.03 -8.29
C GLN A 144 3.42 -8.25 -7.15
N SER A 145 3.69 -9.25 -6.29
CA SER A 145 2.78 -9.66 -5.20
C SER A 145 2.36 -8.49 -4.33
N THR A 146 3.26 -7.57 -4.10
CA THR A 146 3.00 -6.45 -3.18
C THR A 146 2.59 -5.14 -3.86
N ASP A 147 2.38 -5.13 -5.19
CA ASP A 147 1.89 -3.96 -5.87
C ASP A 147 0.49 -3.60 -5.37
N TYR A 148 0.19 -2.32 -5.36
CA TYR A 148 -1.16 -1.84 -5.15
C TYR A 148 -1.90 -1.63 -6.48
N LEU A 149 -1.16 -1.41 -7.57
CA LEU A 149 -1.72 -1.11 -8.90
C LEU A 149 -1.73 -2.36 -9.76
N TYR A 150 -2.53 -2.31 -10.84
CA TYR A 150 -2.72 -3.43 -11.77
C TYR A 150 -2.33 -2.98 -13.19
N PRO A 151 -1.89 -3.92 -14.05
CA PRO A 151 -1.46 -3.46 -15.40
C PRO A 151 -2.68 -3.03 -16.19
N GLU A 152 -2.50 -2.02 -17.02
CA GLU A 152 -3.57 -1.51 -17.85
C GLU A 152 -3.82 -2.39 -19.08
N GLN A 153 -2.78 -3.14 -19.48
CA GLN A 153 -2.76 -3.95 -20.68
C GLN A 153 -2.64 -5.41 -20.24
N LEU A 154 -3.39 -6.28 -20.92
CA LEU A 154 -3.35 -7.70 -20.71
C LEU A 154 -1.93 -8.25 -20.81
N LYS A 155 -1.59 -9.20 -19.93
CA LYS A 155 -0.29 -9.83 -19.93
C LYS A 155 -0.44 -11.33 -20.10
N MET A 156 0.64 -11.94 -20.58
CA MET A 156 0.76 -13.38 -20.63
C MET A 156 2.19 -13.80 -20.27
N THR A 157 2.34 -15.02 -19.79
CA THR A 157 3.65 -15.60 -19.60
C THR A 157 3.56 -17.10 -19.81
N VAL A 158 4.71 -17.74 -19.76
CA VAL A 158 4.83 -19.18 -19.91
C VAL A 158 5.26 -19.79 -18.59
N VAL A 159 4.60 -20.86 -18.16
CA VAL A 159 4.97 -21.63 -16.99
C VAL A 159 5.02 -23.12 -17.39
N LYS A 160 5.67 -23.93 -16.55
CA LYS A 160 5.80 -25.37 -16.81
C LYS A 160 5.03 -26.20 -15.82
N LEU A 161 4.39 -27.25 -16.33
CA LEU A 161 3.64 -28.18 -15.50
C LEU A 161 4.61 -28.98 -14.60
N ILE A 162 4.25 -29.09 -13.33
CA ILE A 162 5.05 -29.74 -12.29
C ILE A 162 4.27 -30.99 -11.85
N SER A 163 4.97 -32.10 -11.62
CA SER A 163 4.29 -33.34 -11.19
C SER A 163 3.64 -33.18 -9.82
N HIS A 164 2.59 -33.98 -9.58
CA HIS A 164 1.97 -34.02 -8.24
C HIS A 164 2.99 -34.43 -7.22
N ARG A 165 3.83 -35.41 -7.55
CA ARG A 165 4.86 -35.85 -6.62
C ARG A 165 5.74 -34.68 -6.14
N GLU A 166 6.14 -33.84 -7.07
CA GLU A 166 6.93 -32.67 -6.73
C GLU A 166 6.14 -31.65 -5.89
N CYS A 167 4.91 -31.36 -6.33
CA CYS A 167 4.08 -30.33 -5.72
C CYS A 167 3.59 -30.77 -4.32
N GLN A 168 3.50 -32.08 -4.09
CA GLN A 168 3.04 -32.62 -2.78
C GLN A 168 4.16 -32.86 -1.77
N GLN A 169 5.40 -32.50 -2.10
CA GLN A 169 6.42 -32.48 -1.07
C GLN A 169 6.02 -31.52 0.07
N PRO A 170 6.40 -31.83 1.32
CA PRO A 170 6.01 -30.97 2.45
C PRO A 170 6.40 -29.50 2.29
N HIS A 171 7.59 -29.24 1.73
CA HIS A 171 8.04 -27.86 1.53
C HIS A 171 7.45 -27.13 0.33
N TYR A 172 6.76 -27.88 -0.54
CA TYR A 172 5.85 -27.29 -1.53
C TYR A 172 4.49 -27.16 -0.85
N TYR A 173 3.49 -27.95 -1.23
CA TYR A 173 2.17 -27.83 -0.63
C TYR A 173 1.67 -29.04 0.15
N GLY A 174 2.46 -30.09 0.24
CA GLY A 174 2.01 -31.26 0.99
C GLY A 174 0.72 -31.82 0.41
N SER A 175 -0.18 -32.22 1.29
CA SER A 175 -1.44 -32.81 0.84
C SER A 175 -2.52 -31.78 0.46
N GLU A 176 -2.19 -30.47 0.46
CA GLU A 176 -3.12 -29.47 0.00
C GLU A 176 -3.43 -29.60 -1.49
N VAL A 177 -2.45 -30.10 -2.28
CA VAL A 177 -2.68 -30.32 -3.69
C VAL A 177 -3.29 -31.69 -3.88
N THR A 178 -4.39 -31.75 -4.62
CA THR A 178 -5.10 -33.00 -4.90
C THR A 178 -5.01 -33.31 -6.38
N THR A 179 -5.49 -34.49 -6.74
CA THR A 179 -5.48 -34.93 -8.13
C THR A 179 -6.45 -34.11 -8.99
N LYS A 180 -7.36 -33.33 -8.37
CA LYS A 180 -8.21 -32.42 -9.13
C LYS A 180 -7.55 -31.03 -9.41
N MET A 181 -6.27 -30.92 -9.10
CA MET A 181 -5.50 -29.73 -9.32
C MET A 181 -4.25 -30.04 -10.13
N LEU A 182 -3.67 -29.00 -10.73
CA LEU A 182 -2.38 -29.09 -11.43
C LEU A 182 -1.50 -27.96 -10.92
N CYS A 183 -0.21 -28.25 -10.73
CA CYS A 183 0.77 -27.25 -10.38
C CYS A 183 1.54 -26.82 -11.60
N ALA A 184 1.82 -25.53 -11.71
CA ALA A 184 2.67 -25.02 -12.78
C ALA A 184 3.49 -23.86 -12.26
N ALA A 185 4.74 -23.81 -12.69
CA ALA A 185 5.62 -22.76 -12.26
C ALA A 185 6.78 -22.57 -13.23
N ASP A 186 7.53 -21.50 -12.98
CA ASP A 186 8.76 -21.22 -13.71
C ASP A 186 9.88 -21.96 -13.04
N PRO A 187 10.76 -22.60 -13.84
CA PRO A 187 11.85 -23.33 -13.21
C PRO A 187 12.68 -22.48 -12.29
N GLN A 188 12.83 -21.19 -12.62
CA GLN A 188 13.58 -20.25 -11.77
C GLN A 188 12.71 -19.40 -10.86
N TRP A 189 11.43 -19.73 -10.77
CA TRP A 189 10.51 -19.03 -9.90
C TRP A 189 10.40 -17.52 -10.22
N LYS A 190 10.57 -17.17 -11.49
CA LYS A 190 10.54 -15.76 -11.94
C LYS A 190 9.21 -15.36 -12.53
N THR A 191 8.31 -16.28 -12.83
CA THR A 191 7.06 -15.89 -13.49
C THR A 191 5.94 -16.73 -12.94
N ASP A 192 4.73 -16.19 -12.88
CA ASP A 192 3.63 -16.85 -12.17
C ASP A 192 2.36 -16.03 -12.43
N SER A 193 1.23 -16.63 -12.12
CA SER A 193 0.00 -15.86 -11.95
C SER A 193 0.00 -15.23 -10.54
N CYS A 194 -0.88 -14.25 -10.33
CA CYS A 194 -0.96 -13.55 -9.06
C CYS A 194 -2.40 -13.05 -8.84
N GLN A 195 -2.61 -12.33 -7.77
CA GLN A 195 -3.95 -11.81 -7.45
C GLN A 195 -4.45 -10.97 -8.61
N GLY A 196 -5.68 -11.27 -9.01
CA GLY A 196 -6.35 -10.69 -10.15
C GLY A 196 -6.33 -11.59 -11.38
N ASP A 197 -5.54 -12.66 -11.36
CA ASP A 197 -5.49 -13.63 -12.47
C ASP A 197 -6.44 -14.83 -12.32
N SER A 198 -7.03 -15.05 -11.14
CA SER A 198 -7.92 -16.22 -11.00
C SER A 198 -9.02 -16.24 -12.01
N GLY A 199 -9.42 -17.46 -12.38
CA GLY A 199 -10.45 -17.67 -13.36
C GLY A 199 -9.92 -17.74 -14.77
N GLY A 200 -8.76 -17.17 -15.01
CA GLY A 200 -8.20 -17.17 -16.34
C GLY A 200 -7.61 -18.50 -16.72
N PRO A 201 -7.16 -18.61 -17.98
CA PRO A 201 -6.79 -19.92 -18.49
C PRO A 201 -5.33 -20.29 -18.27
N LEU A 202 -5.11 -21.59 -18.12
CA LEU A 202 -3.81 -22.20 -18.31
C LEU A 202 -3.96 -22.99 -19.59
N VAL A 203 -3.26 -22.55 -20.63
CA VAL A 203 -3.47 -23.01 -22.00
C VAL A 203 -2.29 -23.85 -22.43
N CYS A 204 -2.55 -25.09 -22.84
CA CYS A 204 -1.46 -25.98 -23.28
C CYS A 204 -1.84 -26.61 -24.61
N SER A 205 -0.84 -26.90 -25.43
CA SER A 205 -1.01 -27.58 -26.68
C SER A 205 -1.26 -29.04 -26.34
N LEU A 206 -2.36 -29.59 -26.83
CA LEU A 206 -2.73 -30.98 -26.56
C LEU A 206 -3.61 -31.58 -27.66
N GLN A 207 -3.17 -32.72 -28.21
CA GLN A 207 -3.81 -33.33 -29.38
C GLN A 207 -3.88 -32.26 -30.52
N GLY A 208 -2.78 -31.55 -30.74
CA GLY A 208 -2.68 -30.60 -31.87
C GLY A 208 -3.38 -29.24 -31.77
N ARG A 209 -3.72 -28.87 -30.55
CA ARG A 209 -4.77 -27.90 -30.31
C ARG A 209 -4.56 -27.16 -28.98
N MET A 210 -4.69 -25.82 -28.97
CA MET A 210 -4.64 -25.04 -27.74
C MET A 210 -5.88 -25.42 -26.89
N THR A 211 -5.61 -25.82 -25.66
CA THR A 211 -6.57 -26.50 -24.80
C THR A 211 -6.56 -25.89 -23.44
N LEU A 212 -7.76 -25.74 -22.87
CA LEU A 212 -7.92 -25.24 -21.54
C LEU A 212 -7.60 -26.37 -20.53
N THR A 213 -6.33 -26.48 -20.20
CA THR A 213 -5.86 -27.50 -19.25
C THR A 213 -6.15 -27.12 -17.81
N GLY A 214 -6.09 -25.83 -17.50
CA GLY A 214 -6.30 -25.38 -16.16
C GLY A 214 -7.01 -24.03 -16.07
N ILE A 215 -7.46 -23.74 -14.87
CA ILE A 215 -8.00 -22.44 -14.47
C ILE A 215 -7.19 -21.91 -13.28
N VAL A 216 -6.71 -20.67 -13.38
CA VAL A 216 -5.91 -20.07 -12.32
C VAL A 216 -6.72 -20.08 -11.06
N SER A 217 -6.14 -20.63 -9.98
CA SER A 217 -6.91 -20.84 -8.71
C SER A 217 -6.18 -20.21 -7.53
N TRP A 218 -5.05 -20.76 -7.14
CA TRP A 218 -4.44 -20.34 -5.87
C TRP A 218 -2.97 -20.60 -5.80
N GLY A 219 -2.35 -20.07 -4.77
CA GLY A 219 -0.93 -20.27 -4.47
C GLY A 219 -0.56 -19.57 -3.17
N ARG A 220 0.59 -19.97 -2.61
CA ARG A 220 1.21 -19.26 -1.52
CA ARG A 220 1.22 -19.26 -1.52
C ARG A 220 2.02 -18.13 -2.16
N GLY A 221 1.71 -16.64 -1.82
CA GLY A 221 2.35 -15.54 -2.52
C GLY A 221 2.25 -15.76 -4.01
N CYS A 222 3.20 -15.18 -4.73
CA CYS A 222 3.25 -15.19 -6.18
C CYS A 222 4.72 -15.27 -6.53
N ALA A 223 5.06 -16.20 -7.41
CA ALA A 223 6.44 -16.40 -7.85
C ALA A 223 7.39 -16.62 -6.68
N LEU A 224 6.96 -17.37 -5.66
CA LEU A 224 7.83 -17.72 -4.56
C LEU A 224 8.45 -19.08 -4.82
N LYS A 225 9.70 -19.19 -4.43
CA LYS A 225 10.44 -20.45 -4.54
C LYS A 225 9.76 -21.60 -3.80
N ASP A 226 9.60 -22.72 -4.53
CA ASP A 226 8.89 -23.93 -4.05
C ASP A 226 7.39 -23.77 -3.77
N LYS A 227 6.78 -22.73 -4.34
CA LYS A 227 5.35 -22.47 -4.18
C LYS A 227 4.76 -22.20 -5.55
N PRO A 228 4.45 -23.27 -6.31
CA PRO A 228 3.88 -23.09 -7.63
C PRO A 228 2.50 -22.48 -7.65
N GLY A 229 2.10 -21.99 -8.82
CA GLY A 229 0.69 -21.70 -9.08
C GLY A 229 -0.10 -23.02 -9.05
N VAL A 230 -1.32 -22.95 -8.52
CA VAL A 230 -2.20 -24.13 -8.53
C VAL A 230 -3.45 -23.79 -9.34
N TYR A 231 -3.81 -24.74 -10.19
CA TYR A 231 -4.78 -24.58 -11.23
C TYR A 231 -5.80 -25.70 -11.13
N THR A 232 -7.07 -25.35 -11.32
CA THR A 232 -8.11 -26.38 -11.39
C THR A 232 -7.86 -27.24 -12.61
N ARG A 233 -7.91 -28.55 -12.43
CA ARG A 233 -7.57 -29.49 -13.48
C ARG A 233 -8.82 -29.82 -14.27
N VAL A 234 -8.99 -29.09 -15.36
CA VAL A 234 -10.22 -29.10 -16.13
C VAL A 234 -10.62 -30.50 -16.64
N SER A 235 -9.65 -31.31 -17.03
CA SER A 235 -9.89 -32.63 -17.57
C SER A 235 -10.57 -33.57 -16.58
N HIS A 236 -10.61 -33.19 -15.31
CA HIS A 236 -11.32 -33.92 -14.25
C HIS A 236 -12.72 -33.37 -13.96
N PHE A 237 -13.19 -32.41 -14.76
CA PHE A 237 -14.52 -31.79 -14.54
C PHE A 237 -15.43 -31.83 -15.74
N LEU A 238 -15.16 -32.67 -16.74
CA LEU A 238 -15.97 -32.64 -17.95
C LEU A 238 -17.46 -32.95 -17.68
N PRO A 239 -17.77 -34.00 -16.88
CA PRO A 239 -19.19 -34.27 -16.66
C PRO A 239 -19.93 -33.09 -15.98
N TRP A 240 -19.27 -32.41 -15.03
CA TRP A 240 -19.84 -31.24 -14.39
C TRP A 240 -20.10 -30.12 -15.41
N ILE A 241 -19.10 -29.85 -16.26
CA ILE A 241 -19.22 -28.83 -17.29
C ILE A 241 -20.33 -29.18 -18.28
N ARG A 242 -20.36 -30.43 -18.74
CA ARG A 242 -21.39 -30.86 -19.67
C ARG A 242 -22.81 -30.78 -19.09
N SER A 243 -23.01 -31.23 -17.86
CA SER A 243 -24.35 -31.26 -17.32
C SER A 243 -24.86 -29.85 -16.94
N HIS A 244 -23.96 -28.94 -16.60
CA HIS A 244 -24.39 -27.59 -16.22
C HIS A 244 -24.55 -26.63 -17.43
N THR A 245 -23.93 -26.96 -18.58
CA THR A 245 -24.11 -26.18 -19.80
C THR A 245 -25.26 -26.65 -20.68
N LYS A 246 -25.94 -27.75 -20.32
CA LYS A 246 -27.08 -28.26 -21.10
C LYS A 246 -28.26 -27.29 -21.12
N ILE B 1 -1.39 17.32 2.12
CA ILE B 1 -2.46 18.17 2.73
C ILE B 1 -3.78 17.37 2.73
N ILE B 2 -4.35 17.15 3.91
CA ILE B 2 -5.63 16.48 4.09
C ILE B 2 -6.68 17.58 3.99
N GLY B 3 -7.70 17.35 3.17
CA GLY B 3 -8.78 18.34 2.94
C GLY B 3 -8.24 19.55 2.19
N GLY B 4 -8.81 20.73 2.46
CA GLY B 4 -8.41 21.93 1.70
C GLY B 4 -8.73 21.82 0.22
N GLU B 5 -7.87 22.42 -0.61
CA GLU B 5 -8.16 22.58 -2.03
C GLU B 5 -6.86 22.57 -2.86
N PHE B 6 -7.00 22.23 -4.14
CA PHE B 6 -5.93 22.46 -5.09
C PHE B 6 -5.73 23.97 -5.30
N THR B 7 -4.50 24.36 -5.49
CA THR B 7 -4.19 25.79 -5.65
C THR B 7 -3.14 25.97 -6.71
N THR B 8 -2.86 27.21 -7.04
CA THR B 8 -1.76 27.53 -7.92
C THR B 8 -0.62 28.11 -7.11
N ILE B 9 0.55 28.11 -7.71
CA ILE B 9 1.75 28.65 -7.07
C ILE B 9 1.66 30.16 -6.88
N GLU B 10 0.87 30.84 -7.70
CA GLU B 10 0.57 32.27 -7.52
C GLU B 10 0.05 32.58 -6.10
N ASN B 11 -0.73 31.69 -5.54
CA ASN B 11 -1.26 31.90 -4.20
C ASN B 11 -0.30 31.53 -3.06
N GLN B 12 0.79 30.81 -3.38
CA GLN B 12 1.83 30.46 -2.39
C GLN B 12 3.21 30.64 -3.04
N PRO B 13 3.53 31.86 -3.50
CA PRO B 13 4.69 32.09 -4.37
C PRO B 13 6.08 31.93 -3.70
N TRP B 14 6.06 31.88 -2.38
CA TRP B 14 7.20 31.54 -1.53
C TRP B 14 7.48 30.03 -1.49
N PHE B 15 6.55 29.20 -1.97
CA PHE B 15 6.66 27.76 -1.77
C PHE B 15 7.77 27.15 -2.63
N ALA B 16 8.66 26.40 -1.99
CA ALA B 16 9.75 25.70 -2.68
C ALA B 16 9.53 24.19 -2.64
N ALA B 17 9.72 23.54 -3.77
CA ALA B 17 9.56 22.09 -3.93
C ALA B 17 10.94 21.49 -3.99
N ILE B 18 11.24 20.56 -3.07
CA ILE B 18 12.60 20.04 -2.90
C ILE B 18 12.65 18.53 -3.20
N TYR B 19 13.53 18.15 -4.10
CA TYR B 19 13.66 16.79 -4.59
C TYR B 19 15.08 16.32 -4.35
N ARG B 20 15.23 15.01 -4.31
CA ARG B 20 16.49 14.35 -4.19
C ARG B 20 16.82 13.56 -5.46
N ARG B 21 18.05 13.67 -5.95
CA ARG B 21 18.54 12.85 -7.08
C ARG B 21 19.23 11.64 -6.50
N HIS B 22 18.93 10.48 -7.06
CA HIS B 22 19.64 9.22 -6.77
C HIS B 22 20.49 8.74 -7.95
N ARG B 23 21.61 8.11 -7.66
CA ARG B 23 22.50 7.63 -8.74
C ARG B 23 21.75 6.72 -9.74
N GLY B 24 21.91 7.00 -11.03
CA GLY B 24 21.19 6.31 -12.10
C GLY B 24 19.83 6.92 -12.44
N GLY B 25 19.57 8.13 -11.94
CA GLY B 25 18.62 9.06 -12.54
C GLY B 25 17.25 9.29 -11.90
N SER B 26 16.85 8.45 -10.94
CA SER B 26 15.51 8.54 -10.40
C SER B 26 15.52 9.72 -9.41
N VAL B 27 14.47 10.54 -9.43
CA VAL B 27 14.37 11.71 -8.57
C VAL B 27 13.13 11.51 -7.71
N THR B 28 13.22 11.75 -6.42
CA THR B 28 12.05 11.65 -5.55
C THR B 28 11.82 12.94 -4.82
N TYR B 29 10.57 13.26 -4.57
CA TYR B 29 10.23 14.43 -3.80
C TYR B 29 10.59 14.21 -2.34
N VAL B 30 11.13 15.25 -1.68
CA VAL B 30 11.54 15.14 -0.27
C VAL B 30 10.64 15.92 0.66
N CYS B 31 10.52 17.22 0.41
CA CYS B 31 9.90 18.15 1.32
C CYS B 31 9.60 19.47 0.65
N GLY B 32 8.78 20.28 1.31
CA GLY B 32 8.59 21.68 0.96
C GLY B 32 9.61 22.59 1.61
N GLY B 33 9.52 23.86 1.26
CA GLY B 33 10.35 24.91 1.85
C GLY B 33 9.71 26.24 1.54
N SER B 34 10.31 27.31 2.06
CA SER B 34 9.85 28.67 1.86
C SER B 34 11.01 29.59 1.51
N LEU B 35 10.82 30.41 0.49
CA LEU B 35 11.79 31.40 0.08
C LEU B 35 11.74 32.60 1.04
N ILE B 36 12.84 32.82 1.77
CA ILE B 36 12.90 33.95 2.70
C ILE B 36 13.73 35.11 2.18
N SER B 37 14.59 34.85 1.21
CA SER B 37 15.31 35.91 0.51
C SER B 37 15.69 35.33 -0.86
N PRO B 38 16.15 36.18 -1.80
CA PRO B 38 16.38 35.62 -3.15
C PRO B 38 17.26 34.35 -3.18
N CYS B 39 18.25 34.24 -2.30
CA CYS B 39 19.20 33.12 -2.29
C CYS B 39 18.96 32.07 -1.21
N TRP B 40 17.95 32.23 -0.37
CA TRP B 40 17.79 31.37 0.80
C TRP B 40 16.38 30.79 0.92
N VAL B 41 16.32 29.46 0.99
CA VAL B 41 15.08 28.72 1.28
C VAL B 41 15.17 28.16 2.70
N ILE B 42 14.09 28.28 3.45
CA ILE B 42 14.01 27.69 4.79
C ILE B 42 13.06 26.46 4.81
N SER B 43 13.54 25.38 5.46
CA SER B 43 12.85 24.12 5.49
C SER B 43 13.02 23.48 6.86
N ALA B 44 12.83 22.16 6.93
CA ALA B 44 13.00 21.40 8.15
C ALA B 44 14.26 20.51 8.10
N THR B 45 14.98 20.42 9.22
CA THR B 45 16.17 19.56 9.31
C THR B 45 15.83 18.08 9.09
N HIS B 46 14.69 17.61 9.58
CA HIS B 46 14.46 16.17 9.49
C HIS B 46 14.29 15.69 8.03
N CYS B 47 14.00 16.61 7.11
CA CYS B 47 14.00 16.33 5.67
C CYS B 47 15.34 15.87 5.14
N PHE B 48 16.42 16.34 5.77
CA PHE B 48 17.81 16.16 5.26
C PHE B 48 18.78 15.46 6.18
N ILE B 49 18.42 15.26 7.46
CA ILE B 49 19.35 14.82 8.49
C ILE B 49 19.98 13.46 8.15
N ASP B 50 19.20 12.58 7.52
CA ASP B 50 19.71 11.27 7.11
C ASP B 50 20.64 11.32 5.94
N TYR B 51 20.61 12.38 5.14
CA TYR B 51 21.49 12.46 3.99
C TYR B 51 21.81 13.93 3.73
N PRO B 52 22.70 14.51 4.55
CA PRO B 52 22.97 15.96 4.50
C PRO B 52 24.00 16.37 3.42
N LYS B 53 23.82 15.89 2.19
CA LYS B 53 24.75 16.09 1.10
C LYS B 53 24.09 17.03 0.07
N LYS B 54 24.51 18.29 0.09
CA LYS B 54 23.87 19.34 -0.71
C LYS B 54 23.79 19.03 -2.22
N GLU B 55 24.78 18.33 -2.75
CA GLU B 55 24.93 18.11 -4.19
C GLU B 55 23.79 17.30 -4.81
N ASP B 56 23.05 16.54 -4.02
CA ASP B 56 22.03 15.65 -4.55
C ASP B 56 20.64 16.21 -4.39
N TYR B 57 20.50 17.45 -3.92
CA TYR B 57 19.18 18.03 -3.80
C TYR B 57 18.90 19.02 -4.92
N ILE B 58 17.62 19.15 -5.27
CA ILE B 58 17.17 20.06 -6.32
C ILE B 58 16.03 20.86 -5.72
N VAL B 59 16.04 22.18 -5.93
CA VAL B 59 14.97 23.06 -5.43
C VAL B 59 14.29 23.76 -6.58
N TYR B 60 12.96 23.73 -6.60
CA TYR B 60 12.17 24.52 -7.55
C TYR B 60 11.41 25.61 -6.84
N LEU B 61 11.33 26.77 -7.47
CA LEU B 61 10.39 27.81 -7.12
C LEU B 61 9.49 28.00 -8.33
N GLY B 62 8.30 28.53 -8.09
CA GLY B 62 7.34 28.75 -9.15
C GLY B 62 6.73 27.49 -9.74
N ARG B 63 6.72 26.43 -8.95
CA ARG B 63 6.32 25.10 -9.42
C ARG B 63 4.99 24.73 -8.74
N SER B 64 3.94 24.47 -9.52
CA SER B 64 2.64 24.07 -8.97
C SER B 64 2.32 22.60 -9.18
N ARG B 65 3.14 21.87 -9.93
CA ARG B 65 2.88 20.45 -10.17
C ARG B 65 4.08 19.59 -9.81
N LEU B 66 3.80 18.38 -9.33
CA LEU B 66 4.82 17.50 -8.77
C LEU B 66 5.73 16.90 -9.82
N ASN B 67 5.17 16.52 -10.98
CA ASN B 67 5.90 15.80 -12.05
C ASN B 67 5.83 16.40 -13.45
N SER B 68 5.40 17.65 -13.57
CA SER B 68 5.52 18.40 -14.83
C SER B 68 5.95 19.84 -14.56
N ASN B 69 6.27 20.56 -15.62
CA ASN B 69 6.75 21.93 -15.56
C ASN B 69 5.58 22.90 -15.41
N THR B 70 5.85 24.01 -14.74
CA THR B 70 4.96 25.17 -14.69
C THR B 70 5.68 26.33 -15.38
N GLN B 71 4.99 27.03 -16.27
CA GLN B 71 5.55 28.23 -16.93
C GLN B 71 6.09 29.21 -15.88
N GLY B 72 7.31 29.70 -16.08
CA GLY B 72 7.97 30.63 -15.17
C GLY B 72 8.74 30.01 -14.01
N GLU B 73 8.71 28.68 -13.84
CA GLU B 73 9.44 28.05 -12.71
C GLU B 73 10.96 28.20 -12.89
N MET B 74 11.69 28.13 -11.79
CA MET B 74 13.14 28.19 -11.80
C MET B 74 13.61 26.95 -11.02
N LYS B 75 14.67 26.34 -11.51
CA LYS B 75 15.27 25.15 -10.92
C LYS B 75 16.61 25.56 -10.33
N PHE B 76 16.92 25.10 -9.13
CA PHE B 76 18.15 25.48 -8.44
C PHE B 76 18.93 24.29 -7.88
N GLU B 77 20.25 24.43 -7.83
CA GLU B 77 21.11 23.56 -7.06
C GLU B 77 21.25 24.16 -5.66
N VAL B 78 21.72 23.35 -4.72
CA VAL B 78 21.89 23.79 -3.34
C VAL B 78 23.37 24.03 -3.10
N GLU B 79 23.73 25.31 -2.97
CA GLU B 79 25.11 25.76 -2.74
C GLU B 79 25.53 25.54 -1.29
N ASN B 80 24.57 25.53 -0.37
CA ASN B 80 24.90 25.32 1.05
C ASN B 80 23.68 24.75 1.74
N LEU B 81 23.87 23.64 2.44
CA LEU B 81 22.80 23.00 3.17
C LEU B 81 23.14 23.11 4.65
N ILE B 82 22.34 23.87 5.41
CA ILE B 82 22.62 24.13 6.83
C ILE B 82 21.54 23.51 7.71
N LEU B 83 21.92 22.56 8.56
CA LEU B 83 20.96 21.92 9.46
C LEU B 83 21.17 22.47 10.86
N HIS B 84 20.14 22.37 11.71
CA HIS B 84 20.26 22.86 13.08
C HIS B 84 21.05 21.88 13.94
N LYS B 85 22.13 22.35 14.55
CA LYS B 85 23.02 21.47 15.34
C LYS B 85 22.35 20.74 16.52
N ASP B 86 21.32 21.32 17.08
CA ASP B 86 20.56 20.74 18.19
C ASP B 86 19.27 20.05 17.75
N TYR B 87 19.12 19.71 16.47
CA TYR B 87 18.00 18.91 16.04
C TYR B 87 18.02 17.61 16.82
N SER B 88 16.86 17.14 17.29
CA SER B 88 16.79 15.78 17.82
C SER B 88 15.37 15.26 17.70
N ALA B 89 15.25 13.94 17.70
CA ALA B 89 13.93 13.31 17.67
C ALA B 89 14.00 11.97 18.35
N ASP B 90 14.46 11.98 19.59
CA ASP B 90 14.56 10.72 20.38
C ASP B 90 13.21 10.21 20.88
N THR B 91 12.22 11.11 20.94
CA THR B 91 10.86 10.73 21.34
C THR B 91 9.98 11.22 20.20
N LEU B 92 8.69 11.36 20.41
CA LEU B 92 7.76 11.71 19.35
C LEU B 92 8.12 13.06 18.70
N ALA B 93 8.44 14.06 19.53
CA ALA B 93 8.72 15.41 19.01
C ALA B 93 10.00 15.49 18.19
N HIS B 94 10.01 16.38 17.21
CA HIS B 94 11.24 16.82 16.53
C HIS B 94 11.57 18.21 17.08
N HIS B 95 12.74 18.33 17.72
CA HIS B 95 13.19 19.62 18.29
C HIS B 95 14.09 20.33 17.29
N ASN B 96 13.96 21.65 17.23
CA ASN B 96 14.85 22.47 16.44
C ASN B 96 14.83 22.02 14.97
N ASP B 97 13.61 21.77 14.49
CA ASP B 97 13.40 21.23 13.14
C ASP B 97 13.35 22.35 12.10
N ILE B 98 14.52 22.82 11.76
CA ILE B 98 14.68 23.98 10.90
C ILE B 98 15.97 23.83 10.13
N ALA B 99 15.95 24.22 8.86
CA ALA B 99 17.11 24.10 7.96
C ALA B 99 17.15 25.17 6.90
N LEU B 100 18.34 25.43 6.38
CA LEU B 100 18.54 26.49 5.40
C LEU B 100 19.21 25.92 4.18
N LEU B 101 18.70 26.32 3.02
CA LEU B 101 19.26 25.96 1.72
C LEU B 101 19.60 27.22 0.95
N LYS B 102 20.89 27.42 0.69
CA LYS B 102 21.31 28.48 -0.20
C LYS B 102 21.19 27.94 -1.63
N ILE B 103 20.43 28.65 -2.47
CA ILE B 103 20.10 28.19 -3.82
C ILE B 103 20.82 29.02 -4.89
N ARG B 104 21.15 28.35 -5.98
CA ARG B 104 21.92 28.91 -7.07
C ARG B 104 21.51 28.16 -8.34
N SER B 105 21.12 28.90 -9.38
CA SER B 105 20.72 28.27 -10.66
C SER B 105 21.95 27.82 -11.46
N LYS B 106 21.69 27.07 -12.51
CA LYS B 106 22.73 26.63 -13.44
C LYS B 106 23.58 27.81 -13.97
N GLU B 107 22.91 28.93 -14.23
CA GLU B 107 23.56 30.16 -14.73
C GLU B 107 24.11 31.05 -13.61
N GLY B 108 24.13 30.55 -12.37
CA GLY B 108 24.69 31.28 -11.24
C GLY B 108 23.79 32.32 -10.57
N ARG B 109 22.47 32.26 -10.78
CA ARG B 109 21.55 33.28 -10.22
C ARG B 109 20.67 32.78 -9.08
N CYS B 110 20.29 33.73 -8.23
CA CYS B 110 19.35 33.53 -7.12
C CYS B 110 17.92 33.72 -7.68
N ALA B 111 16.91 33.55 -6.84
CA ALA B 111 15.52 33.67 -7.28
C ALA B 111 15.23 35.06 -7.85
N GLN B 112 14.40 35.10 -8.88
CA GLN B 112 14.02 36.33 -9.54
C GLN B 112 12.51 36.48 -9.34
N PRO B 113 12.07 37.46 -8.50
CA PRO B 113 10.65 37.69 -8.22
C PRO B 113 9.75 37.82 -9.45
N SER B 114 8.54 37.31 -9.31
CA SER B 114 7.52 37.28 -10.37
C SER B 114 6.15 37.05 -9.69
N ARG B 115 5.09 36.83 -10.46
CA ARG B 115 3.79 36.52 -9.84
C ARG B 115 3.80 35.15 -9.20
N THR B 116 4.74 34.27 -9.61
CA THR B 116 4.83 32.92 -9.08
C THR B 116 6.02 32.68 -8.14
N ILE B 117 6.93 33.66 -8.00
CA ILE B 117 8.12 33.52 -7.13
C ILE B 117 8.26 34.78 -6.28
N GLN B 118 8.20 34.64 -4.96
CA GLN B 118 8.21 35.79 -4.07
C GLN B 118 8.66 35.37 -2.69
N THR B 119 9.42 36.23 -2.00
CA THR B 119 9.82 35.92 -0.61
C THR B 119 8.62 36.05 0.33
N ILE B 120 8.72 35.37 1.46
CA ILE B 120 7.76 35.51 2.55
C ILE B 120 8.49 36.15 3.73
N ALA B 121 7.83 37.10 4.39
CA ALA B 121 8.41 37.82 5.51
C ALA B 121 8.58 36.88 6.71
N LEU B 122 9.69 37.09 7.41
CA LEU B 122 9.91 36.49 8.70
C LEU B 122 9.22 37.33 9.78
N PRO B 123 8.80 36.68 10.88
CA PRO B 123 8.22 37.44 11.97
C PRO B 123 9.29 38.17 12.75
N SER B 124 8.90 39.22 13.47
CA SER B 124 9.79 39.86 14.42
C SER B 124 9.95 38.93 15.65
N MET B 125 10.93 39.22 16.49
CA MET B 125 11.36 38.28 17.53
C MET B 125 10.27 37.98 18.56
N TYR B 126 9.97 36.69 18.71
CA TYR B 126 8.91 36.19 19.58
C TYR B 126 7.50 36.73 19.27
N ASN B 127 7.28 37.28 18.07
CA ASN B 127 5.99 37.85 17.70
C ASN B 127 5.15 36.81 16.93
N ASP B 128 4.10 36.30 17.55
CA ASP B 128 3.25 35.28 16.95
C ASP B 128 1.80 35.78 16.93
N PRO B 129 0.98 35.27 16.00
CA PRO B 129 -0.42 35.64 16.11
C PRO B 129 -1.07 34.99 17.35
N GLN B 130 -2.19 35.54 17.78
CA GLN B 130 -2.93 34.99 18.89
C GLN B 130 -3.46 33.59 18.54
N PHE B 131 -3.67 32.80 19.57
CA PHE B 131 -4.28 31.49 19.40
C PHE B 131 -5.70 31.70 18.88
N GLY B 132 -6.16 30.78 18.02
CA GLY B 132 -7.45 30.90 17.29
C GLY B 132 -7.39 31.53 15.89
N THR B 133 -6.21 32.06 15.55
CA THR B 133 -5.96 32.77 14.30
C THR B 133 -5.89 31.73 13.21
N SER B 134 -6.45 32.06 12.03
CA SER B 134 -6.38 31.18 10.86
C SER B 134 -5.07 31.41 10.12
N CYS B 135 -4.45 30.31 9.74
CA CYS B 135 -3.20 30.30 9.00
C CYS B 135 -3.33 29.32 7.85
N GLU B 136 -2.48 29.51 6.83
CA GLU B 136 -2.50 28.68 5.64
C GLU B 136 -1.31 27.74 5.66
N ILE B 137 -1.52 26.51 5.21
CA ILE B 137 -0.43 25.56 4.96
C ILE B 137 -0.54 25.04 3.52
N THR B 138 0.58 24.59 2.98
CA THR B 138 0.63 24.22 1.56
C THR B 138 1.68 23.13 1.32
N GLY B 139 1.43 22.26 0.37
CA GLY B 139 2.36 21.23 0.04
C GLY B 139 1.86 20.20 -0.92
N PHE B 140 2.78 19.30 -1.29
CA PHE B 140 2.53 18.14 -2.12
C PHE B 140 2.39 16.84 -1.31
N GLY B 141 2.12 16.94 -0.02
CA GLY B 141 1.94 15.77 0.82
C GLY B 141 0.67 15.00 0.54
N LYS B 142 0.56 13.86 1.20
CA LYS B 142 -0.55 12.97 1.05
C LYS B 142 -1.93 13.66 1.31
N GLU B 143 -2.93 13.20 0.59
CA GLU B 143 -4.32 13.66 0.78
C GLU B 143 -5.07 12.83 1.83
N GLN B 144 -4.57 11.62 2.11
CA GLN B 144 -5.03 10.79 3.23
C GLN B 144 -3.80 10.09 3.79
N SER B 145 -3.76 9.88 5.10
CA SER B 145 -2.61 9.31 5.82
C SER B 145 -2.14 7.98 5.23
N THR B 146 -3.05 7.17 4.74
CA THR B 146 -2.72 5.84 4.25
C THR B 146 -2.61 5.75 2.72
N ASP B 147 -2.69 6.86 2.00
CA ASP B 147 -2.52 6.84 0.56
C ASP B 147 -1.09 6.38 0.22
N TYR B 148 -0.95 5.69 -0.90
CA TYR B 148 0.39 5.37 -1.43
C TYR B 148 0.79 6.42 -2.47
N LEU B 149 -0.18 7.11 -3.07
CA LEU B 149 0.05 8.15 -4.08
C LEU B 149 0.02 9.55 -3.49
N TYR B 150 0.57 10.50 -4.24
CA TYR B 150 0.65 11.92 -3.86
C TYR B 150 -0.09 12.79 -4.88
N PRO B 151 -0.64 13.95 -4.46
CA PRO B 151 -1.36 14.77 -5.43
C PRO B 151 -0.39 15.32 -6.47
N GLU B 152 -0.86 15.40 -7.70
CA GLU B 152 -0.06 15.94 -8.79
C GLU B 152 0.02 17.47 -8.73
N GLN B 153 -0.98 18.09 -8.11
CA GLN B 153 -1.18 19.55 -8.06
C GLN B 153 -1.05 20.00 -6.63
N LEU B 154 -0.37 21.13 -6.43
CA LEU B 154 -0.16 21.74 -5.13
C LEU B 154 -1.49 21.94 -4.42
N LYS B 155 -1.51 21.69 -3.11
CA LYS B 155 -2.70 21.94 -2.32
C LYS B 155 -2.41 22.93 -1.21
N MET B 156 -3.46 23.56 -0.72
CA MET B 156 -3.40 24.40 0.46
C MET B 156 -4.67 24.20 1.28
N THR B 157 -4.56 24.48 2.57
CA THR B 157 -5.73 24.51 3.44
C THR B 157 -5.50 25.54 4.54
N VAL B 158 -6.53 25.74 5.35
CA VAL B 158 -6.50 26.66 6.48
C VAL B 158 -6.62 25.87 7.76
N VAL B 159 -5.76 26.21 8.75
CA VAL B 159 -5.80 25.59 10.07
C VAL B 159 -5.73 26.74 11.07
N LYS B 160 -6.10 26.45 12.32
CA LYS B 160 -6.08 27.43 13.37
C LYS B 160 -5.02 27.12 14.40
N LEU B 161 -4.36 28.17 14.87
CA LEU B 161 -3.37 28.06 15.93
C LEU B 161 -4.04 27.65 17.25
N ILE B 162 -3.40 26.70 17.93
CA ILE B 162 -3.87 26.12 19.17
C ILE B 162 -2.89 26.56 20.27
N SER B 163 -3.42 26.89 21.44
CA SER B 163 -2.55 27.30 22.57
C SER B 163 -1.68 26.15 23.03
N HIS B 164 -0.53 26.51 23.62
CA HIS B 164 0.34 25.49 24.25
C HIS B 164 -0.39 24.75 25.35
N ARG B 165 -1.18 25.48 26.14
CA ARG B 165 -1.96 24.84 27.19
C ARG B 165 -2.84 23.72 26.62
N GLU B 166 -3.51 23.98 25.51
CA GLU B 166 -4.37 23.00 24.90
C GLU B 166 -3.54 21.81 24.38
N CYS B 167 -2.48 22.13 23.64
CA CYS B 167 -1.66 21.14 22.93
C CYS B 167 -0.82 20.28 23.91
N GLN B 168 -0.54 20.83 25.10
CA GLN B 168 0.19 20.08 26.15
C GLN B 168 -0.69 19.24 27.11
N GLN B 169 -2.00 19.17 26.86
CA GLN B 169 -2.83 18.21 27.60
C GLN B 169 -2.35 16.78 27.31
N PRO B 170 -2.48 15.86 28.30
CA PRO B 170 -1.92 14.51 28.14
C PRO B 170 -2.47 13.80 26.91
N HIS B 171 -3.76 14.01 26.63
CA HIS B 171 -4.37 13.38 25.45
C HIS B 171 -4.07 14.04 24.10
N TYR B 172 -3.50 15.25 24.11
CA TYR B 172 -2.91 15.84 22.91
C TYR B 172 -1.47 15.32 22.89
N TYR B 173 -0.47 16.17 23.16
CA TYR B 173 0.91 15.74 23.11
C TYR B 173 1.68 15.82 24.42
N GLY B 174 1.04 16.24 25.51
CA GLY B 174 1.77 16.30 26.78
C GLY B 174 2.99 17.22 26.68
N SER B 175 4.09 16.83 27.31
CA SER B 175 5.29 17.65 27.30
C SER B 175 6.12 17.52 26.02
N GLU B 176 5.64 16.76 25.01
CA GLU B 176 6.37 16.67 23.74
C GLU B 176 6.37 17.99 22.97
N VAL B 177 5.32 18.82 23.17
CA VAL B 177 5.28 20.14 22.59
C VAL B 177 5.99 21.11 23.51
N THR B 178 6.90 21.89 22.94
CA THR B 178 7.64 22.90 23.69
C THR B 178 7.27 24.28 23.20
N THR B 179 7.78 25.29 23.87
CA THR B 179 7.58 26.69 23.47
C THR B 179 8.27 27.03 22.16
N LYS B 180 9.18 26.19 21.66
CA LYS B 180 9.77 26.39 20.34
C LYS B 180 8.94 25.79 19.20
N MET B 181 7.75 25.32 19.53
CA MET B 181 6.83 24.76 18.57
C MET B 181 5.49 25.48 18.65
N LEU B 182 4.68 25.31 17.59
CA LEU B 182 3.31 25.84 17.55
C LEU B 182 2.44 24.72 17.05
N CYS B 183 1.29 24.54 17.67
CA CYS B 183 0.30 23.60 17.23
C CYS B 183 -0.74 24.31 16.39
N ALA B 184 -1.20 23.65 15.33
CA ALA B 184 -2.28 24.16 14.54
C ALA B 184 -3.15 23.04 14.01
N ALA B 185 -4.46 23.29 14.00
CA ALA B 185 -5.39 22.26 13.56
C ALA B 185 -6.72 22.83 13.14
N ASP B 186 -7.55 21.95 12.58
CA ASP B 186 -8.89 22.28 12.22
C ASP B 186 -9.78 22.06 13.46
N PRO B 187 -10.69 23.01 13.77
CA PRO B 187 -11.60 22.76 14.87
C PRO B 187 -12.41 21.45 14.78
N GLN B 188 -12.80 21.03 13.58
CA GLN B 188 -13.47 19.73 13.37
C GLN B 188 -12.51 18.60 12.98
N TRP B 189 -11.19 18.81 13.07
CA TRP B 189 -10.21 17.76 12.74
C TRP B 189 -10.33 17.16 11.32
N LYS B 190 -10.75 17.99 10.39
CA LYS B 190 -10.95 17.57 8.99
C LYS B 190 -9.79 17.93 8.08
N THR B 191 -8.89 18.80 8.49
CA THR B 191 -7.86 19.26 7.57
C THR B 191 -6.55 19.38 8.32
N ASP B 192 -5.42 19.08 7.66
CA ASP B 192 -4.11 19.03 8.34
C ASP B 192 -3.00 18.87 7.28
N SER B 193 -1.77 19.07 7.71
CA SER B 193 -0.61 18.66 6.90
C SER B 193 -0.41 17.16 7.13
N CYS B 194 0.36 16.52 6.25
CA CYS B 194 0.59 15.09 6.31
C CYS B 194 1.98 14.80 5.73
N GLN B 195 2.33 13.51 5.66
CA GLN B 195 3.64 13.10 5.12
C GLN B 195 3.83 13.62 3.71
N GLY B 196 4.96 14.27 3.50
CA GLY B 196 5.31 14.98 2.27
C GLY B 196 5.15 16.50 2.38
N ASP B 197 4.50 17.00 3.43
CA ASP B 197 4.35 18.42 3.68
C ASP B 197 5.42 19.07 4.57
N SER B 198 6.27 18.30 5.23
CA SER B 198 7.31 18.91 6.07
C SER B 198 8.18 19.89 5.31
N GLY B 199 8.69 20.88 6.04
CA GLY B 199 9.48 21.92 5.46
C GLY B 199 8.68 23.06 4.86
N GLY B 200 7.43 22.83 4.52
CA GLY B 200 6.60 23.89 3.97
C GLY B 200 6.09 24.87 5.01
N PRO B 201 5.43 25.93 4.56
CA PRO B 201 5.13 27.03 5.46
C PRO B 201 3.81 26.89 6.18
N LEU B 202 3.77 27.49 7.37
CA LEU B 202 2.53 27.87 8.03
C LEU B 202 2.53 29.40 7.97
N VAL B 203 1.60 29.95 7.21
CA VAL B 203 1.57 31.38 6.85
C VAL B 203 0.42 32.07 7.58
N CYS B 204 0.70 33.13 8.33
CA CYS B 204 -0.34 33.87 9.04
C CYS B 204 -0.18 35.38 8.76
N SER B 205 -1.29 36.11 8.78
CA SER B 205 -1.30 37.57 8.67
C SER B 205 -0.83 38.16 9.99
N LEU B 206 0.21 38.99 9.94
CA LEU B 206 0.80 39.54 11.13
C LEU B 206 1.44 40.89 10.74
N GLN B 207 0.75 42.01 10.93
CA GLN B 207 -0.70 42.15 10.78
C GLN B 207 -0.85 43.04 9.58
N GLY B 208 -1.54 42.54 8.55
CA GLY B 208 -1.49 43.06 7.20
C GLY B 208 -0.51 42.26 6.35
N ARG B 209 0.51 41.60 6.94
CA ARG B 209 1.67 41.10 6.19
C ARG B 209 1.70 39.58 6.36
N MET B 210 1.71 38.84 5.24
CA MET B 210 1.79 37.39 5.28
C MET B 210 3.19 37.03 5.78
N THR B 211 3.22 36.19 6.82
CA THR B 211 4.40 35.97 7.63
C THR B 211 4.60 34.49 7.87
N LEU B 212 5.87 34.07 7.79
CA LEU B 212 6.22 32.69 8.03
C LEU B 212 6.25 32.41 9.53
N THR B 213 5.09 32.07 10.06
CA THR B 213 4.92 31.81 11.49
C THR B 213 5.42 30.41 11.88
N GLY B 214 5.26 29.45 10.99
CA GLY B 214 5.74 28.09 11.25
C GLY B 214 6.28 27.34 10.04
N ILE B 215 6.92 26.22 10.34
CA ILE B 215 7.40 25.26 9.35
C ILE B 215 6.80 23.91 9.70
N VAL B 216 6.18 23.25 8.73
CA VAL B 216 5.53 21.93 8.95
C VAL B 216 6.60 20.98 9.47
N SER B 217 6.33 20.35 10.62
CA SER B 217 7.32 19.49 11.28
C SER B 217 6.77 18.09 11.49
N TRP B 218 5.85 17.94 12.43
CA TRP B 218 5.48 16.60 12.87
C TRP B 218 4.07 16.54 13.42
N GLY B 219 3.63 15.33 13.66
CA GLY B 219 2.32 15.06 14.26
C GLY B 219 2.11 13.54 14.42
N ARG B 220 1.15 13.20 15.28
CA ARG B 220 0.66 11.83 15.40
CA ARG B 220 0.67 11.83 15.40
C ARG B 220 -0.39 11.65 14.31
N GLY B 221 -0.16 10.64 13.12
CA GLY B 221 -1.09 10.51 12.00
C GLY B 221 -1.28 11.87 11.38
N CYS B 222 -2.44 12.01 10.73
CA CYS B 222 -2.77 13.22 10.00
C CYS B 222 -4.24 13.41 10.19
N ALA B 223 -4.63 14.63 10.55
CA ALA B 223 -6.01 15.00 10.78
C ALA B 223 -6.68 14.06 11.76
N LEU B 224 -5.95 13.66 12.81
CA LEU B 224 -6.55 12.87 13.86
C LEU B 224 -7.05 13.78 14.99
N LYS B 225 -8.19 13.39 15.55
CA LYS B 225 -8.78 14.12 16.63
C LYS B 225 -7.81 14.22 17.83
N ASP B 226 -7.65 15.44 18.33
CA ASP B 226 -6.76 15.81 19.45
C ASP B 226 -5.26 15.61 19.18
N LYS B 227 -4.91 15.57 17.89
CA LYS B 227 -3.53 15.42 17.46
C LYS B 227 -3.27 16.48 16.39
N PRO B 228 -3.03 17.73 16.81
CA PRO B 228 -2.72 18.78 15.85
C PRO B 228 -1.46 18.55 15.07
N GLY B 229 -1.34 19.30 13.99
CA GLY B 229 -0.04 19.48 13.32
C GLY B 229 0.88 20.27 14.27
N VAL B 230 2.17 19.92 14.27
CA VAL B 230 3.17 20.64 15.05
C VAL B 230 4.19 21.25 14.09
N TYR B 231 4.46 22.52 14.35
CA TYR B 231 5.20 23.41 13.47
C TYR B 231 6.32 24.03 14.26
N THR B 232 7.48 24.15 13.61
CA THR B 232 8.59 24.88 14.21
C THR B 232 8.21 26.35 14.31
N ARG B 233 8.42 26.91 15.48
CA ARG B 233 7.97 28.28 15.78
C ARG B 233 9.08 29.26 15.37
N VAL B 234 8.94 29.80 14.17
CA VAL B 234 10.01 30.53 13.50
C VAL B 234 10.46 31.76 14.28
N SER B 235 9.53 32.41 14.97
CA SER B 235 9.83 33.61 15.77
C SER B 235 10.79 33.35 16.92
N HIS B 236 11.02 32.08 17.26
CA HIS B 236 12.00 31.68 18.26
C HIS B 236 13.38 31.30 17.67
N PHE B 237 13.58 31.48 16.36
CA PHE B 237 14.84 31.09 15.70
C PHE B 237 15.52 32.20 14.89
N LEU B 238 15.18 33.47 15.15
CA LEU B 238 15.71 34.54 14.32
C LEU B 238 17.23 34.67 14.40
N PRO B 239 17.81 34.61 15.63
CA PRO B 239 19.26 34.71 15.68
C PRO B 239 19.98 33.62 14.88
N TRP B 240 19.46 32.40 14.93
CA TRP B 240 20.00 31.28 14.18
C TRP B 240 19.90 31.57 12.67
N ILE B 241 18.72 31.98 12.21
CA ILE B 241 18.51 32.28 10.79
C ILE B 241 19.41 33.41 10.32
N ARG B 242 19.46 34.50 11.10
CA ARG B 242 20.28 35.64 10.74
C ARG B 242 21.78 35.29 10.69
N SER B 243 22.30 34.57 11.67
CA SER B 243 23.73 34.29 11.68
C SER B 243 24.13 33.28 10.59
N HIS B 244 23.24 32.36 10.22
CA HIS B 244 23.57 31.34 9.22
C HIS B 244 23.36 31.80 7.77
N THR B 245 22.55 32.85 7.56
CA THR B 245 22.39 33.45 6.23
C THR B 245 23.37 34.60 5.91
N LYS B 246 24.23 34.98 6.85
CA LYS B 246 25.23 36.07 6.64
C LYS B 246 26.28 35.71 5.61
N GLN C 1 12.14 5.24 -10.00
CA GLN C 1 11.89 3.77 -10.19
C GLN C 1 12.52 2.96 -9.04
N VAL C 2 12.13 3.31 -7.81
CA VAL C 2 12.74 2.68 -6.64
C VAL C 2 12.14 1.31 -6.37
N GLN C 3 12.98 0.32 -6.16
CA GLN C 3 12.48 -1.02 -5.84
C GLN C 3 13.48 -1.82 -5.02
N LEU C 4 12.95 -2.86 -4.41
CA LEU C 4 13.67 -3.80 -3.58
C LEU C 4 13.37 -5.21 -4.12
N GLN C 5 14.34 -6.11 -3.98
CA GLN C 5 14.14 -7.49 -4.40
C GLN C 5 14.85 -8.41 -3.43
N GLU C 6 14.09 -9.32 -2.82
CA GLU C 6 14.65 -10.25 -1.85
C GLU C 6 15.18 -11.46 -2.59
N SER C 7 16.15 -12.12 -1.97
CA SER C 7 16.63 -13.41 -2.42
C SER C 7 17.29 -14.16 -1.29
N GLY C 8 17.58 -15.43 -1.52
CA GLY C 8 18.29 -16.27 -0.55
C GLY C 8 17.42 -17.21 0.25
N GLY C 9 16.12 -17.20 0.04
CA GLY C 9 15.25 -18.11 0.74
C GLY C 9 15.37 -19.54 0.22
N GLY C 10 14.69 -20.43 0.89
CA GLY C 10 14.69 -21.82 0.45
C GLY C 10 14.45 -22.71 1.62
N LEU C 11 14.80 -23.97 1.43
CA LEU C 11 14.58 -25.01 2.39
C LEU C 11 15.84 -25.19 3.20
N VAL C 12 15.73 -25.24 4.51
CA VAL C 12 16.88 -25.52 5.35
C VAL C 12 16.45 -26.43 6.50
N GLN C 13 17.40 -27.23 6.98
CA GLN C 13 17.21 -28.07 8.16
C GLN C 13 17.24 -27.25 9.47
N ALA C 14 16.36 -27.61 10.41
CA ALA C 14 16.29 -26.96 11.72
C ALA C 14 17.64 -26.99 12.39
N GLY C 15 17.99 -25.94 13.09
CA GLY C 15 19.32 -25.82 13.65
C GLY C 15 20.27 -25.13 12.67
N GLY C 16 19.92 -25.07 11.38
CA GLY C 16 20.78 -24.50 10.34
C GLY C 16 20.67 -23.00 10.20
N SER C 17 21.33 -22.49 9.17
CA SER C 17 21.49 -21.09 8.89
C SER C 17 21.08 -20.77 7.46
N LEU C 18 20.62 -19.53 7.26
CA LEU C 18 20.35 -18.99 5.94
C LEU C 18 20.62 -17.49 5.96
N ARG C 19 21.09 -16.94 4.85
CA ARG C 19 21.28 -15.50 4.74
C ARG C 19 20.37 -14.97 3.66
N LEU C 20 19.47 -14.08 4.02
CA LEU C 20 18.58 -13.42 3.03
C LEU C 20 19.25 -12.10 2.60
N SER C 21 19.00 -11.70 1.35
CA SER C 21 19.48 -10.47 0.78
C SER C 21 18.28 -9.64 0.36
N CYS C 22 18.43 -8.33 0.52
CA CYS C 22 17.50 -7.35 0.03
C CYS C 22 18.28 -6.35 -0.80
N ALA C 23 18.12 -6.40 -2.11
CA ALA C 23 18.89 -5.60 -3.07
C ALA C 23 18.03 -4.43 -3.53
N ALA C 24 18.59 -3.24 -3.45
CA ALA C 24 17.90 -2.06 -3.94
C ALA C 24 18.27 -1.77 -5.40
N SER C 25 17.31 -1.23 -6.16
CA SER C 25 17.64 -0.55 -7.42
C SER C 25 16.86 0.77 -7.56
N GLY C 26 17.44 1.71 -8.30
CA GLY C 26 16.89 3.07 -8.40
C GLY C 26 17.24 3.98 -7.24
N PHE C 27 17.83 3.44 -6.17
CA PHE C 27 18.26 4.25 -5.03
C PHE C 27 19.29 3.45 -4.26
N THR C 28 19.96 4.12 -3.31
CA THR C 28 20.92 3.43 -2.48
C THR C 28 20.34 3.37 -1.11
N LEU C 29 20.43 2.20 -0.52
CA LEU C 29 19.82 2.01 0.78
C LEU C 29 20.72 2.49 1.96
N ASP C 30 21.93 2.93 1.65
CA ASP C 30 22.90 3.49 2.62
C ASP C 30 22.35 4.58 3.57
N SER C 31 21.44 5.42 3.11
CA SER C 31 20.94 6.52 4.02
C SER C 31 19.46 6.38 4.40
N TYR C 32 18.92 5.17 4.31
CA TYR C 32 17.52 4.91 4.66
C TYR C 32 17.48 3.78 5.66
N ALA C 33 16.52 3.86 6.56
CA ALA C 33 16.26 2.82 7.49
C ALA C 33 15.57 1.67 6.77
N ILE C 34 16.08 0.45 7.00
CA ILE C 34 15.63 -0.74 6.29
C ILE C 34 15.21 -1.78 7.30
N GLY C 35 14.20 -2.58 6.97
CA GLY C 35 13.72 -3.60 7.86
C GLY C 35 13.24 -4.84 7.17
N TRP C 36 13.13 -5.87 7.98
CA TRP C 36 12.62 -7.16 7.53
C TRP C 36 11.37 -7.46 8.31
N PHE C 37 10.38 -8.00 7.60
CA PHE C 37 9.14 -8.53 8.16
C PHE C 37 8.96 -9.99 7.72
N ARG C 38 8.11 -10.72 8.39
CA ARG C 38 7.72 -12.03 7.92
C ARG C 38 6.28 -12.32 8.17
N GLN C 39 5.71 -13.20 7.34
CA GLN C 39 4.36 -13.63 7.58
C GLN C 39 4.30 -15.13 7.37
N ALA C 40 4.00 -15.83 8.47
CA ALA C 40 3.78 -17.27 8.48
C ALA C 40 2.30 -17.63 8.18
N PRO C 41 2.05 -18.82 7.61
CA PRO C 41 0.73 -19.28 7.24
C PRO C 41 -0.30 -19.08 8.35
N GLY C 42 -1.43 -18.44 8.04
CA GLY C 42 -2.51 -18.21 9.00
C GLY C 42 -2.20 -17.22 10.12
N LYS C 43 -1.03 -16.55 10.09
CA LYS C 43 -0.65 -15.60 11.13
C LYS C 43 -0.46 -14.19 10.59
N GLU C 44 -0.46 -13.23 11.51
CA GLU C 44 -0.24 -11.84 11.16
C GLU C 44 1.18 -11.59 10.78
N ARG C 45 1.39 -10.59 9.95
CA ARG C 45 2.73 -10.08 9.64
C ARG C 45 3.41 -9.61 10.93
N GLU C 46 4.71 -9.81 11.00
CA GLU C 46 5.50 -9.59 12.20
C GLU C 46 6.77 -8.87 11.74
N GLY C 47 7.12 -7.77 12.38
CA GLY C 47 8.45 -7.20 12.26
C GLY C 47 9.50 -8.15 12.84
N VAL C 48 10.62 -8.27 12.14
CA VAL C 48 11.70 -9.17 12.52
C VAL C 48 12.95 -8.38 12.98
N SER C 49 13.35 -7.41 12.16
CA SER C 49 14.57 -6.66 12.42
C SER C 49 14.57 -5.37 11.64
N CYS C 50 15.30 -4.38 12.14
CA CYS C 50 15.57 -3.20 11.35
C CYS C 50 16.89 -2.56 11.69
N ILE C 51 17.38 -1.75 10.75
CA ILE C 51 18.60 -0.99 10.90
C ILE C 51 18.28 0.45 10.58
N SER C 52 18.84 1.38 11.34
CA SER C 52 18.62 2.79 11.16
C SER C 52 19.29 3.30 9.87
N ALA C 53 18.89 4.52 9.49
CA ALA C 53 19.47 5.18 8.31
C ALA C 53 20.96 5.30 8.35
N SER C 54 21.49 5.76 9.48
CA SER C 54 22.92 5.88 9.69
C SER C 54 23.65 4.53 9.89
N GLY C 55 22.95 3.46 10.23
CA GLY C 55 23.58 2.22 10.74
C GLY C 55 23.95 2.32 12.24
N GLY C 56 23.57 3.41 12.90
CA GLY C 56 23.88 3.66 14.30
C GLY C 56 23.05 2.79 15.26
N SER C 57 21.98 2.20 14.78
CA SER C 57 21.26 1.24 15.61
C SER C 57 20.57 0.13 14.82
N THR C 58 20.42 -1.02 15.48
CA THR C 58 19.64 -2.13 14.98
C THR C 58 18.69 -2.58 16.08
N ASN C 59 17.56 -3.14 15.65
CA ASN C 59 16.52 -3.64 16.56
C ASN C 59 16.02 -5.02 16.11
N TYR C 60 15.61 -5.85 17.06
CA TYR C 60 15.22 -7.24 16.81
C TYR C 60 13.97 -7.56 17.59
N ALA C 61 13.09 -8.34 16.97
CA ALA C 61 11.94 -8.84 17.68
C ALA C 61 12.40 -9.86 18.70
N ASP C 62 11.63 -9.99 19.80
CA ASP C 62 11.90 -10.95 20.85
C ASP C 62 12.04 -12.37 20.37
N SER C 63 11.29 -12.74 19.33
CA SER C 63 11.31 -14.11 18.83
C SER C 63 12.60 -14.44 18.08
N VAL C 64 13.35 -13.43 17.63
CA VAL C 64 14.57 -13.68 16.83
C VAL C 64 15.87 -13.13 17.40
N LYS C 65 15.80 -12.31 18.43
CA LYS C 65 16.97 -11.72 19.01
C LYS C 65 17.97 -12.80 19.46
N GLY C 66 19.25 -12.57 19.20
CA GLY C 66 20.30 -13.53 19.50
C GLY C 66 20.47 -14.57 18.42
N ARG C 67 19.50 -14.74 17.52
CA ARG C 67 19.64 -15.72 16.43
C ARG C 67 19.83 -15.04 15.06
N PHE C 68 19.23 -13.86 14.87
CA PHE C 68 19.23 -13.16 13.58
C PHE C 68 20.09 -11.91 13.68
N THR C 69 20.72 -11.55 12.56
CA THR C 69 21.51 -10.34 12.47
C THR C 69 21.22 -9.59 11.19
N ILE C 70 20.90 -8.29 11.29
CA ILE C 70 20.68 -7.46 10.13
C ILE C 70 21.98 -6.70 9.88
N SER C 71 22.34 -6.56 8.61
CA SER C 71 23.47 -5.69 8.24
C SER C 71 23.30 -5.12 6.82
N ARG C 72 24.14 -4.13 6.52
CA ARG C 72 24.02 -3.41 5.26
C ARG C 72 25.39 -3.35 4.61
N ASP C 73 25.44 -3.72 3.33
CA ASP C 73 26.68 -3.66 2.52
C ASP C 73 26.51 -2.63 1.42
N ASN C 74 27.08 -1.45 1.64
CA ASN C 74 26.94 -0.33 0.72
C ASN C 74 27.63 -0.58 -0.61
N ALA C 75 28.69 -1.38 -0.62
CA ALA C 75 29.37 -1.76 -1.87
C ALA C 75 28.47 -2.61 -2.78
N LYS C 76 27.57 -3.39 -2.19
CA LYS C 76 26.63 -4.18 -2.99
C LYS C 76 25.20 -3.59 -2.98
N ASN C 77 25.02 -2.41 -2.38
CA ASN C 77 23.68 -1.82 -2.22
C ASN C 77 22.63 -2.87 -1.82
N THR C 78 22.98 -3.64 -0.78
CA THR C 78 22.18 -4.73 -0.31
C THR C 78 22.16 -4.74 1.22
N VAL C 79 21.01 -5.13 1.78
CA VAL C 79 20.88 -5.41 3.19
C VAL C 79 20.68 -6.93 3.38
N TYR C 80 21.30 -7.47 4.44
CA TYR C 80 21.25 -8.90 4.72
C TYR C 80 20.49 -9.19 6.00
N LEU C 81 19.87 -10.35 6.06
CA LEU C 81 19.36 -10.92 7.29
C LEU C 81 20.06 -12.27 7.47
N GLN C 82 21.01 -12.32 8.40
CA GLN C 82 21.65 -13.58 8.75
C GLN C 82 20.74 -14.29 9.75
N MET C 83 20.30 -15.51 9.44
CA MET C 83 19.41 -16.26 10.35
C MET C 83 20.09 -17.55 10.78
N ASN C 84 20.42 -17.65 12.05
CA ASN C 84 21.06 -18.83 12.63
C ASN C 84 20.07 -19.59 13.52
N SER C 85 20.39 -20.85 13.81
CA SER C 85 19.61 -21.69 14.74
C SER C 85 18.14 -21.68 14.38
N LEU C 86 17.88 -21.92 13.11
CA LEU C 86 16.53 -21.82 12.57
C LEU C 86 15.61 -22.86 13.18
N LYS C 87 14.36 -22.47 13.36
CA LYS C 87 13.34 -23.32 13.98
C LYS C 87 12.15 -23.36 13.04
N SER C 88 11.28 -24.37 13.20
CA SER C 88 10.10 -24.50 12.34
C SER C 88 9.19 -23.27 12.43
N GLU C 89 9.12 -22.58 13.58
CA GLU C 89 8.33 -21.33 13.67
C GLU C 89 8.89 -20.16 12.82
N ASP C 90 10.11 -20.29 12.28
CA ASP C 90 10.66 -19.25 11.40
C ASP C 90 10.22 -19.44 9.94
N THR C 91 9.52 -20.55 9.62
CA THR C 91 8.96 -20.79 8.28
C THR C 91 7.96 -19.69 7.98
N ALA C 92 8.23 -18.97 6.91
CA ALA C 92 7.48 -17.77 6.55
C ALA C 92 7.93 -17.17 5.23
N VAL C 93 7.12 -16.27 4.69
CA VAL C 93 7.54 -15.44 3.61
C VAL C 93 8.13 -14.20 4.29
N TYR C 94 9.37 -13.89 3.91
CA TYR C 94 10.14 -12.75 4.45
C TYR C 94 10.16 -11.60 3.43
N TYR C 95 9.97 -10.39 3.92
CA TYR C 95 9.88 -9.20 3.08
C TYR C 95 10.79 -8.15 3.63
N CYS C 96 11.50 -7.44 2.75
CA CYS C 96 12.19 -6.26 3.20
C CYS C 96 11.42 -5.02 2.82
N ALA C 97 11.78 -3.94 3.51
CA ALA C 97 11.03 -2.69 3.44
C ALA C 97 12.01 -1.56 3.67
N ALA C 98 11.88 -0.48 2.91
CA ALA C 98 12.73 0.69 3.07
C ALA C 98 11.96 1.98 3.32
N ASP C 99 12.38 2.71 4.35
CA ASP C 99 11.90 4.05 4.65
C ASP C 99 10.39 4.13 4.89
N HIS C 100 9.98 3.51 6.00
CA HIS C 100 8.58 3.61 6.49
C HIS C 100 8.56 4.29 7.85
N PRO C 101 7.58 5.19 8.10
CA PRO C 101 7.46 5.77 9.43
C PRO C 101 7.39 4.71 10.50
N GLY C 102 8.19 4.87 11.54
CA GLY C 102 8.22 3.93 12.65
C GLY C 102 9.18 2.78 12.52
N LEU C 103 9.71 2.52 11.33
CA LEU C 103 10.56 1.39 11.12
C LEU C 103 12.02 1.84 11.26
N CYS C 104 12.53 1.75 12.49
CA CYS C 104 13.84 2.28 12.86
C CYS C 104 13.99 3.76 12.48
N THR C 105 12.89 4.49 12.52
CA THR C 105 12.89 5.92 12.23
C THR C 105 11.63 6.51 12.86
N SER C 106 11.57 7.83 12.92
CA SER C 106 10.42 8.51 13.47
C SER C 106 9.09 8.10 12.85
N GLU C 107 8.07 8.03 13.69
CA GLU C 107 6.73 7.83 13.16
C GLU C 107 5.92 9.10 13.14
N SER C 108 6.51 10.23 13.52
CA SER C 108 5.78 11.50 13.54
C SER C 108 6.21 12.50 12.47
N GLY C 109 7.39 12.31 11.84
CA GLY C 109 7.90 13.30 10.89
C GLY C 109 7.02 13.41 9.65
N ARG C 110 6.78 14.62 9.15
CA ARG C 110 5.94 14.77 7.98
C ARG C 110 6.70 15.00 6.65
N ARG C 111 7.97 14.60 6.61
CA ARG C 111 8.69 14.49 5.32
C ARG C 111 8.07 13.38 4.49
N ARG C 112 8.44 13.31 3.21
CA ARG C 112 7.98 12.21 2.36
C ARG C 112 8.81 10.97 2.62
N TYR C 113 8.18 9.80 2.70
CA TYR C 113 8.87 8.54 2.97
C TYR C 113 8.76 7.70 1.70
N LEU C 114 9.80 6.93 1.37
CA LEU C 114 9.74 6.08 0.20
C LEU C 114 8.66 4.99 0.34
N GLU C 115 8.56 4.39 1.52
CA GLU C 115 7.60 3.35 1.81
C GLU C 115 7.66 2.23 0.78
N VAL C 116 8.89 1.76 0.48
CA VAL C 116 9.08 0.71 -0.54
C VAL C 116 8.96 -0.65 0.15
N TRP C 117 8.37 -1.61 -0.56
CA TRP C 117 8.36 -3.02 -0.18
C TRP C 117 8.98 -3.91 -1.26
N GLY C 118 9.64 -4.98 -0.86
CA GLY C 118 10.05 -6.02 -1.78
C GLY C 118 8.86 -6.93 -2.09
N GLN C 119 9.13 -8.11 -2.64
CA GLN C 119 8.08 -9.02 -3.10
C GLN C 119 7.96 -10.31 -2.32
N GLY C 120 8.86 -10.54 -1.39
CA GLY C 120 8.85 -11.73 -0.55
C GLY C 120 9.84 -12.79 -0.97
N THR C 121 10.38 -13.51 0.00
CA THR C 121 11.14 -14.70 -0.27
C THR C 121 10.72 -15.78 0.73
N GLN C 122 10.49 -16.99 0.23
CA GLN C 122 9.97 -18.07 1.07
C GLN C 122 11.12 -18.73 1.83
N VAL C 123 10.97 -18.90 3.15
CA VAL C 123 11.92 -19.65 3.94
C VAL C 123 11.16 -20.80 4.56
N THR C 124 11.65 -22.02 4.41
CA THR C 124 11.04 -23.19 5.02
C THR C 124 12.07 -23.95 5.82
N VAL C 125 11.77 -24.14 7.10
CA VAL C 125 12.65 -24.82 8.01
C VAL C 125 12.03 -26.19 8.28
N SER C 126 12.73 -27.24 7.86
CA SER C 126 12.31 -28.64 8.01
C SER C 126 13.09 -29.39 9.11
N SER C 127 12.48 -30.39 9.70
CA SER C 127 13.25 -31.35 10.53
C SER C 127 14.18 -32.26 9.70
N ALA C 128 15.10 -32.93 10.42
CA ALA C 128 15.69 -34.26 10.08
C ALA C 128 17.20 -34.18 10.01
N GLN D 1 -13.77 4.21 -7.36
CA GLN D 1 -13.46 5.20 -6.28
C GLN D 1 -13.82 4.63 -4.90
N VAL D 2 -13.24 3.47 -4.59
CA VAL D 2 -13.58 2.77 -3.35
C VAL D 2 -12.81 3.36 -2.16
N GLN D 3 -13.51 3.67 -1.09
CA GLN D 3 -12.86 4.20 0.11
C GLN D 3 -13.63 3.86 1.38
N LEU D 4 -12.91 3.97 2.47
CA LEU D 4 -13.37 3.73 3.81
C LEU D 4 -13.04 4.96 4.64
N GLN D 5 -13.89 5.26 5.61
CA GLN D 5 -13.65 6.40 6.49
C GLN D 5 -14.08 6.07 7.90
N GLU D 6 -13.12 6.17 8.85
CA GLU D 6 -13.39 5.89 10.24
C GLU D 6 -13.88 7.12 10.95
N SER D 7 -14.68 6.91 12.00
CA SER D 7 -15.09 7.98 12.92
C SER D 7 -15.47 7.37 14.28
N GLY D 8 -15.62 8.24 15.27
CA GLY D 8 -16.05 7.86 16.61
C GLY D 8 -14.97 7.91 17.67
N GLY D 9 -13.73 8.20 17.28
CA GLY D 9 -12.64 8.16 18.26
C GLY D 9 -12.68 9.36 19.16
N GLY D 10 -11.84 9.35 20.18
CA GLY D 10 -11.76 10.43 21.10
C GLY D 10 -11.15 9.96 22.41
N LEU D 11 -11.32 10.80 23.42
CA LEU D 11 -10.80 10.56 24.77
C LEU D 11 -11.89 9.91 25.60
N VAL D 12 -11.58 8.78 26.23
CA VAL D 12 -12.53 8.05 27.08
C VAL D 12 -11.83 7.57 28.33
N GLN D 13 -12.60 7.45 29.40
CA GLN D 13 -12.11 6.98 30.66
C GLN D 13 -12.02 5.44 30.66
N ALA D 14 -11.00 4.92 31.31
CA ALA D 14 -10.86 3.48 31.52
C ALA D 14 -12.10 2.87 32.16
N GLY D 15 -12.47 1.66 31.74
CA GLY D 15 -13.72 1.04 32.19
C GLY D 15 -14.90 1.41 31.31
N GLY D 16 -14.80 2.49 30.52
CA GLY D 16 -15.91 2.97 29.70
C GLY D 16 -16.04 2.23 28.36
N SER D 17 -16.94 2.76 27.52
CA SER D 17 -17.25 2.20 26.21
C SER D 17 -17.12 3.24 25.12
N LEU D 18 -16.87 2.75 23.91
CA LEU D 18 -16.75 3.57 22.73
C LEU D 18 -17.14 2.75 21.53
N ARG D 19 -17.85 3.35 20.59
CA ARG D 19 -18.18 2.67 19.33
C ARG D 19 -17.52 3.42 18.22
N LEU D 20 -16.70 2.73 17.43
CA LEU D 20 -16.12 3.27 16.21
C LEU D 20 -16.96 2.85 15.01
N SER D 21 -16.98 3.68 13.97
CA SER D 21 -17.69 3.40 12.73
CA SER D 21 -17.69 3.43 12.71
C SER D 21 -16.68 3.45 11.58
N CYS D 22 -16.93 2.63 10.58
CA CYS D 22 -16.17 2.55 9.36
C CYS D 22 -17.18 2.55 8.20
N ALA D 23 -17.24 3.68 7.49
CA ALA D 23 -18.24 3.91 6.43
C ALA D 23 -17.60 3.72 5.08
N ALA D 24 -18.22 2.93 4.23
CA ALA D 24 -17.73 2.69 2.88
C ALA D 24 -18.38 3.66 1.90
N SER D 25 -17.65 4.07 0.88
CA SER D 25 -18.26 4.67 -0.30
C SER D 25 -17.62 4.10 -1.58
N GLY D 26 -18.40 4.10 -2.66
CA GLY D 26 -17.98 3.50 -3.91
C GLY D 26 -18.15 2.01 -3.99
N PHE D 27 -18.49 1.37 -2.87
CA PHE D 27 -18.81 -0.05 -2.86
C PHE D 27 -19.62 -0.34 -1.62
N THR D 28 -20.19 -1.54 -1.55
CA THR D 28 -20.92 -1.94 -0.36
C THR D 28 -20.14 -2.99 0.35
N LEU D 29 -20.03 -2.84 1.66
CA LEU D 29 -19.18 -3.74 2.40
C LEU D 29 -19.89 -5.07 2.80
N ASP D 30 -21.19 -5.17 2.48
CA ASP D 30 -22.04 -6.36 2.75
C ASP D 30 -21.45 -7.72 2.24
N SER D 31 -20.69 -7.73 1.16
CA SER D 31 -20.15 -9.03 0.68
C SER D 31 -18.64 -9.16 0.74
N TYR D 32 -18.01 -8.33 1.57
CA TYR D 32 -16.58 -8.38 1.77
C TYR D 32 -16.27 -8.59 3.23
N ALA D 33 -15.17 -9.30 3.48
CA ALA D 33 -14.64 -9.42 4.81
C ALA D 33 -13.95 -8.10 5.21
N ILE D 34 -14.26 -7.65 6.42
CA ILE D 34 -13.84 -6.33 6.92
C ILE D 34 -13.15 -6.55 8.24
N GLY D 35 -12.13 -5.74 8.52
CA GLY D 35 -11.43 -5.82 9.77
C GLY D 35 -11.00 -4.48 10.34
N TRP D 36 -10.59 -4.54 11.59
CA TRP D 36 -10.02 -3.40 12.32
C TRP D 36 -8.64 -3.77 12.76
N PHE D 37 -7.72 -2.82 12.60
CA PHE D 37 -6.35 -2.89 13.08
C PHE D 37 -6.10 -1.67 14.00
N ARG D 38 -5.05 -1.73 14.79
CA ARG D 38 -4.65 -0.57 15.56
C ARG D 38 -3.16 -0.48 15.67
N GLN D 39 -2.66 0.73 15.90
CA GLN D 39 -1.25 0.94 16.07
C GLN D 39 -1.04 1.94 17.18
N ALA D 40 -0.45 1.45 18.27
CA ALA D 40 -0.11 2.24 19.44
C ALA D 40 1.29 2.85 19.30
N PRO D 41 1.53 4.01 19.93
CA PRO D 41 2.82 4.70 19.89
C PRO D 41 4.01 3.75 20.12
N GLY D 42 4.98 3.76 19.23
CA GLY D 42 6.20 2.95 19.33
C GLY D 42 6.01 1.45 19.11
N LYS D 43 4.79 0.99 18.78
CA LYS D 43 4.52 -0.43 18.61
C LYS D 43 4.12 -0.74 17.19
N GLU D 44 4.23 -2.00 16.81
CA GLU D 44 3.78 -2.34 15.48
C GLU D 44 2.27 -2.48 15.40
N ARG D 45 1.77 -2.38 14.19
CA ARG D 45 0.36 -2.56 13.90
C ARG D 45 -0.10 -3.94 14.31
N GLU D 46 -1.34 -4.02 14.77
CA GLU D 46 -1.91 -5.23 15.37
C GLU D 46 -3.30 -5.39 14.81
N GLY D 47 -3.64 -6.57 14.31
CA GLY D 47 -5.04 -6.91 14.03
C GLY D 47 -5.85 -6.92 15.31
N VAL D 48 -7.09 -6.40 15.24
CA VAL D 48 -7.99 -6.32 16.40
C VAL D 48 -9.18 -7.28 16.24
N SER D 49 -9.84 -7.20 15.09
CA SER D 49 -11.07 -7.92 14.88
C SER D 49 -11.38 -7.99 13.40
N CYS D 50 -12.13 -9.02 13.01
CA CYS D 50 -12.63 -9.08 11.65
C CYS D 50 -13.94 -9.83 11.57
N ILE D 51 -14.67 -9.54 10.51
CA ILE D 51 -15.94 -10.19 10.22
C ILE D 51 -15.85 -10.75 8.81
N SER D 52 -16.39 -11.93 8.64
CA SER D 52 -16.40 -12.58 7.33
C SER D 52 -17.30 -11.88 6.32
N ALA D 53 -17.09 -12.21 5.04
CA ALA D 53 -17.92 -11.67 3.99
C ALA D 53 -19.42 -11.91 4.22
N SER D 54 -19.77 -13.14 4.62
CA SER D 54 -21.16 -13.49 4.88
C SER D 54 -21.74 -12.84 6.14
N GLY D 55 -20.87 -12.46 7.07
CA GLY D 55 -21.30 -12.03 8.39
C GLY D 55 -21.61 -13.13 9.38
N GLY D 56 -21.41 -14.37 8.99
CA GLY D 56 -21.69 -15.53 9.83
C GLY D 56 -20.63 -15.74 10.93
N SER D 57 -19.46 -15.11 10.79
CA SER D 57 -18.49 -15.25 11.86
C SER D 57 -17.62 -14.04 12.06
N THR D 58 -17.16 -13.88 13.29
CA THR D 58 -16.23 -12.81 13.67
C THR D 58 -15.08 -13.41 14.49
N ASN D 59 -13.92 -12.73 14.44
CA ASN D 59 -12.70 -13.13 15.16
C ASN D 59 -12.11 -11.96 15.91
N TYR D 60 -11.44 -12.25 17.03
CA TYR D 60 -10.90 -11.23 17.93
C TYR D 60 -9.48 -11.59 18.33
N ALA D 61 -8.61 -10.57 18.37
CA ALA D 61 -7.24 -10.74 18.90
C ALA D 61 -7.33 -11.05 20.35
N ASP D 62 -6.29 -11.73 20.84
CA ASP D 62 -6.18 -12.08 22.26
C ASP D 62 -6.31 -10.91 23.20
N SER D 63 -5.81 -9.75 22.82
CA SER D 63 -5.81 -8.62 23.72
C SER D 63 -7.19 -7.97 23.87
N VAL D 64 -8.10 -8.25 22.94
CA VAL D 64 -9.46 -7.61 22.97
C VAL D 64 -10.62 -8.58 23.09
N LYS D 65 -10.35 -9.88 23.00
CA LYS D 65 -11.43 -10.89 23.04
C LYS D 65 -12.21 -10.80 24.34
N GLY D 66 -13.54 -10.88 24.22
CA GLY D 66 -14.42 -10.73 25.38
C GLY D 66 -14.78 -9.29 25.67
N ARG D 67 -14.05 -8.30 25.12
CA ARG D 67 -14.39 -6.89 25.34
C ARG D 67 -14.92 -6.16 24.09
N PHE D 68 -14.45 -6.55 22.91
CA PHE D 68 -14.77 -5.81 21.67
C PHE D 68 -15.69 -6.67 20.84
N THR D 69 -16.55 -6.01 20.08
CA THR D 69 -17.44 -6.67 19.14
C THR D 69 -17.40 -5.94 17.80
N ILE D 70 -17.22 -6.70 16.73
CA ILE D 70 -17.31 -6.15 15.39
C ILE D 70 -18.68 -6.49 14.83
N SER D 71 -19.28 -5.52 14.13
CA SER D 71 -20.55 -5.80 13.43
C SER D 71 -20.68 -5.01 12.15
N ARG D 72 -21.68 -5.34 11.35
CA ARG D 72 -21.89 -4.71 10.05
C ARG D 72 -23.34 -4.37 9.89
N ASP D 73 -23.60 -3.16 9.45
CA ASP D 73 -24.96 -2.69 9.13
C ASP D 73 -25.04 -2.41 7.64
N ASN D 74 -25.61 -3.34 6.90
CA ASN D 74 -25.73 -3.21 5.44
C ASN D 74 -26.64 -2.08 4.99
N ALA D 75 -27.64 -1.71 5.79
CA ALA D 75 -28.50 -0.56 5.50
C ALA D 75 -27.72 0.76 5.55
N LYS D 76 -26.72 0.86 6.41
CA LYS D 76 -25.91 2.09 6.50
C LYS D 76 -24.56 1.93 5.81
N ASN D 77 -24.33 0.79 5.17
CA ASN D 77 -23.05 0.50 4.57
C ASN D 77 -21.85 0.85 5.49
N THR D 78 -21.95 0.44 6.75
CA THR D 78 -21.00 0.78 7.77
C THR D 78 -20.69 -0.45 8.61
N VAL D 79 -19.43 -0.57 9.03
CA VAL D 79 -19.01 -1.55 10.03
C VAL D 79 -18.63 -0.85 11.33
N TYR D 80 -18.93 -1.50 12.45
CA TYR D 80 -18.71 -0.91 13.76
C TYR D 80 -17.70 -1.74 14.56
N LEU D 81 -16.98 -1.07 15.45
CA LEU D 81 -16.22 -1.72 16.50
C LEU D 81 -16.72 -1.24 17.85
N GLN D 82 -17.45 -2.12 18.55
CA GLN D 82 -17.96 -1.81 19.88
C GLN D 82 -16.84 -2.16 20.86
N MET D 83 -16.37 -1.18 21.62
CA MET D 83 -15.25 -1.38 22.56
C MET D 83 -15.73 -1.15 23.96
N ASN D 84 -15.86 -2.23 24.73
CA ASN D 84 -16.31 -2.16 26.12
C ASN D 84 -15.13 -2.41 27.07
N SER D 85 -15.28 -1.97 28.31
CA SER D 85 -14.28 -2.19 29.36
C SER D 85 -12.92 -1.76 28.86
N LEU D 86 -12.88 -0.52 28.39
CA LEU D 86 -11.64 0.01 27.82
C LEU D 86 -10.51 0.09 28.84
N LYS D 87 -9.28 -0.13 28.36
CA LYS D 87 -8.09 -0.06 29.20
C LYS D 87 -7.12 0.91 28.56
N SER D 88 -6.19 1.40 29.34
CA SER D 88 -5.16 2.33 28.84
C SER D 88 -4.37 1.72 27.67
N GLU D 89 -4.19 0.41 27.67
CA GLU D 89 -3.44 -0.25 26.60
C GLU D 89 -4.18 -0.25 25.27
N ASP D 90 -5.49 0.11 25.25
CA ASP D 90 -6.25 0.23 24.02
C ASP D 90 -5.98 1.56 23.28
N THR D 91 -5.20 2.46 23.88
CA THR D 91 -4.87 3.78 23.28
C THR D 91 -4.08 3.53 22.00
N ALA D 92 -4.60 4.04 20.90
CA ALA D 92 -4.02 3.76 19.57
C ALA D 92 -4.76 4.50 18.47
N VAL D 93 -4.18 4.50 17.28
CA VAL D 93 -4.90 4.88 16.10
C VAL D 93 -5.52 3.58 15.56
N TYR D 94 -6.83 3.61 15.34
CA TYR D 94 -7.61 2.48 14.80
C TYR D 94 -7.92 2.67 13.32
N TYR D 95 -7.78 1.59 12.55
CA TYR D 95 -7.96 1.63 11.12
C TYR D 95 -8.87 0.50 10.70
N CYS D 96 -9.80 0.75 9.79
CA CYS D 96 -10.52 -0.35 9.18
C CYS D 96 -9.97 -0.65 7.80
N ALA D 97 -10.30 -1.86 7.34
CA ALA D 97 -9.71 -2.44 6.15
C ALA D 97 -10.74 -3.35 5.53
N ALA D 98 -10.86 -3.32 4.22
CA ALA D 98 -11.79 -4.19 3.51
C ALA D 98 -11.09 -5.03 2.43
N ASP D 99 -11.41 -6.33 2.45
CA ASP D 99 -11.02 -7.29 1.39
C ASP D 99 -9.51 -7.41 1.13
N HIS D 100 -8.84 -7.93 2.15
CA HIS D 100 -7.40 -8.23 2.08
C HIS D 100 -7.20 -9.73 2.26
N PRO D 101 -6.34 -10.34 1.44
CA PRO D 101 -6.01 -11.75 1.67
C PRO D 101 -5.60 -12.02 3.12
N GLY D 102 -6.20 -13.04 3.69
CA GLY D 102 -5.90 -13.42 5.08
C GLY D 102 -6.75 -12.75 6.16
N LEU D 103 -7.49 -11.69 5.83
CA LEU D 103 -8.27 -10.97 6.83
C LEU D 103 -9.69 -11.52 6.79
N CYS D 104 -9.95 -12.54 7.62
CA CYS D 104 -11.22 -13.27 7.66
C CYS D 104 -11.61 -13.84 6.29
N THR D 105 -10.58 -14.18 5.51
CA THR D 105 -10.75 -14.72 4.16
C THR D 105 -9.42 -15.42 3.76
N SER D 106 -9.49 -16.21 2.71
CA SER D 106 -8.36 -16.90 2.20
C SER D 106 -7.16 -16.01 1.96
N GLU D 107 -5.99 -16.54 2.24
CA GLU D 107 -4.78 -15.87 1.84
C GLU D 107 -4.12 -16.49 0.61
N SER D 108 -4.74 -17.45 -0.01
CA SER D 108 -4.15 -18.08 -1.19
C SER D 108 -4.89 -17.82 -2.49
N GLY D 109 -6.14 -17.35 -2.44
CA GLY D 109 -6.92 -17.17 -3.67
C GLY D 109 -6.30 -16.12 -4.56
N ARG D 110 -6.32 -16.34 -5.86
CA ARG D 110 -5.77 -15.35 -6.79
C ARG D 110 -6.82 -14.47 -7.53
N ARG D 111 -8.03 -14.35 -6.97
CA ARG D 111 -8.96 -13.31 -7.41
C ARG D 111 -8.38 -11.92 -7.08
N ARG D 112 -8.96 -10.88 -7.65
CA ARG D 112 -8.56 -9.52 -7.28
C ARG D 112 -9.21 -9.16 -5.96
N TYR D 113 -8.46 -8.48 -5.08
CA TYR D 113 -8.93 -8.08 -3.77
C TYR D 113 -8.94 -6.56 -3.77
N LEU D 114 -9.93 -5.97 -3.12
CA LEU D 114 -9.99 -4.50 -3.05
C LEU D 114 -8.80 -3.92 -2.28
N GLU D 115 -8.43 -4.56 -1.18
CA GLU D 115 -7.31 -4.10 -0.35
C GLU D 115 -7.44 -2.62 0.03
N VAL D 116 -8.62 -2.25 0.54
CA VAL D 116 -8.88 -0.85 0.88
C VAL D 116 -8.50 -0.63 2.34
N TRP D 117 -7.94 0.54 2.64
CA TRP D 117 -7.69 1.01 4.00
C TRP D 117 -8.40 2.34 4.27
N GLY D 118 -8.89 2.52 5.50
CA GLY D 118 -9.33 3.83 5.95
C GLY D 118 -8.12 4.68 6.36
N GLN D 119 -8.38 5.78 7.05
CA GLN D 119 -7.35 6.78 7.34
C GLN D 119 -6.94 6.86 8.80
N GLY D 120 -7.65 6.16 9.65
CA GLY D 120 -7.35 6.12 11.07
C GLY D 120 -8.26 7.00 11.91
N THR D 121 -8.54 6.54 13.13
CA THR D 121 -9.20 7.39 14.12
C THR D 121 -8.51 7.18 15.46
N GLN D 122 -8.22 8.27 16.16
CA GLN D 122 -7.47 8.22 17.41
C GLN D 122 -8.40 7.84 18.58
N VAL D 123 -7.99 6.86 19.39
CA VAL D 123 -8.71 6.51 20.60
C VAL D 123 -7.71 6.67 21.73
N THR D 124 -8.06 7.45 22.75
CA THR D 124 -7.20 7.61 23.93
C THR D 124 -8.00 7.23 25.16
N VAL D 125 -7.49 6.25 25.91
CA VAL D 125 -8.15 5.76 27.10
C VAL D 125 -7.32 6.24 28.27
N SER D 126 -7.92 7.08 29.10
CA SER D 126 -7.23 7.60 30.26
C SER D 126 -7.64 6.78 31.48
N SER D 127 -6.64 6.29 32.23
CA SER D 127 -6.84 5.54 33.46
C SER D 127 -6.88 6.48 34.65
#